data_8S98
#
_entry.id   8S98
#
_cell.length_a   48.108
_cell.length_b   112.602
_cell.length_c   156.856
_cell.angle_alpha   90.00
_cell.angle_beta   90.00
_cell.angle_gamma   90.00
#
_symmetry.space_group_name_H-M   'P 21 21 21'
#
loop_
_entity.id
_entity.type
_entity.pdbx_description
1 polymer 'Non-receptor tyrosine-protein kinase TYK2'
2 non-polymer (8S)-N-cyclopropyl-5-[(2-methoxypyridin-3-yl)amino]-7-(methylamino)pyrazolo[1,5-a]pyrimidine-3-carboxamide
3 water water
#
_entity_poly.entity_id   1
_entity_poly.type   'polypeptide(L)'
_entity_poly.pdbx_seq_one_letter_code
;NLSQLSFHRVDQKEITQLSHLGQGTRTNVYEGRLRVEGSGDPEEGKMDDEDPLVPGRDRGQELRVVLKVLDPSHHDIALA
FYETASLMSQVSHTHLAFVHGVCVRGPENIMVTEYVEHGPLDVWLRRERGHVPMAWKMVVAQQLASALSYLENKNLVHGN
VCGRNILLARLGLAEGTSPFIKLSDPGVGLGALSREERVERIPWLAPECLPGGANSLSTAMDKWGFGATLLEI(CSO)FD
GEAPLQSRSPSEKEHFYQRQHRLPEPSCPQLATLTSQCLTYEPTQRPSFRTILRDLTRL
;
_entity_poly.pdbx_strand_id   A,B,C
#
loop_
_chem_comp.id
_chem_comp.type
_chem_comp.name
_chem_comp.formula
ZRU non-polymer (8S)-N-cyclopropyl-5-[(2-methoxypyridin-3-yl)amino]-7-(methylamino)pyrazolo[1,5-a]pyrimidine-3-carboxamide 'C17 H19 N7 O2'
#
# COMPACT_ATOMS: atom_id res chain seq x y z
N GLN A 4 -36.63 14.26 -20.49
CA GLN A 4 -37.48 13.18 -21.06
C GLN A 4 -38.41 12.63 -19.97
N LEU A 5 -39.06 13.49 -19.19
CA LEU A 5 -39.91 13.05 -18.06
C LEU A 5 -41.14 12.35 -18.63
N SER A 6 -41.38 11.12 -18.19
CA SER A 6 -42.44 10.23 -18.70
C SER A 6 -43.13 9.55 -17.52
N PHE A 7 -44.40 9.83 -17.35
CA PHE A 7 -45.23 9.25 -16.28
C PHE A 7 -46.69 9.46 -16.63
N HIS A 8 -47.57 8.71 -15.96
CA HIS A 8 -49.03 8.83 -16.18
C HIS A 8 -49.54 9.98 -15.32
N ARG A 9 -50.26 10.94 -15.92
CA ARG A 9 -50.99 12.00 -15.18
C ARG A 9 -52.26 11.39 -14.58
N VAL A 10 -52.39 11.40 -13.25
CA VAL A 10 -53.66 11.01 -12.58
C VAL A 10 -54.48 12.26 -12.29
N ASP A 11 -55.74 12.31 -12.77
CA ASP A 11 -56.67 13.40 -12.42
C ASP A 11 -57.03 13.27 -10.95
N GLN A 12 -57.18 14.40 -10.26
CA GLN A 12 -57.55 14.44 -8.83
C GLN A 12 -58.87 13.66 -8.61
N LYS A 13 -59.76 13.63 -9.61
CA LYS A 13 -61.10 12.98 -9.50
C LYS A 13 -60.95 11.46 -9.31
N GLU A 14 -59.81 10.91 -9.70
CA GLU A 14 -59.57 9.45 -9.68
C GLU A 14 -59.02 8.98 -8.32
N ILE A 15 -58.70 9.87 -7.37
CA ILE A 15 -58.05 9.46 -6.09
C ILE A 15 -58.90 9.86 -4.89
N THR A 16 -58.88 9.02 -3.86
CA THR A 16 -59.44 9.25 -2.51
C THR A 16 -58.32 9.06 -1.48
N GLN A 17 -58.18 9.99 -0.57
CA GLN A 17 -57.15 9.91 0.50
C GLN A 17 -57.80 9.39 1.79
N LEU A 18 -57.19 8.36 2.36
CA LEU A 18 -57.63 7.69 3.59
C LEU A 18 -56.56 7.96 4.67
N SER A 19 -56.25 7.00 5.52
CA SER A 19 -55.49 7.29 6.77
C SER A 19 -54.02 7.63 6.43
N HIS A 20 -53.49 8.56 7.19
CA HIS A 20 -52.03 8.88 7.23
C HIS A 20 -51.26 7.66 7.71
N LEU A 21 -50.22 7.26 6.98
CA LEU A 21 -49.34 6.10 7.27
C LEU A 21 -47.95 6.55 7.80
N GLY A 22 -47.51 7.75 7.51
CA GLY A 22 -46.21 8.20 8.03
C GLY A 22 -45.57 9.22 7.14
N GLN A 23 -44.32 9.53 7.44
CA GLN A 23 -43.58 10.59 6.71
C GLN A 23 -42.53 9.91 5.85
N GLY A 24 -42.37 10.46 4.66
CA GLY A 24 -41.19 10.29 3.81
C GLY A 24 -40.40 11.56 3.83
N THR A 25 -39.34 11.60 3.04
CA THR A 25 -38.50 12.81 2.97
C THR A 25 -39.31 13.87 2.22
N ARG A 26 -39.72 14.92 2.93
CA ARG A 26 -40.62 16.03 2.49
C ARG A 26 -41.96 15.53 1.94
N THR A 27 -42.44 14.37 2.41
CA THR A 27 -43.76 13.86 2.00
C THR A 27 -44.53 13.31 3.20
N ASN A 28 -45.82 13.19 3.01
CA ASN A 28 -46.67 12.36 3.90
C ASN A 28 -47.29 11.25 3.06
N VAL A 29 -47.37 10.05 3.64
CA VAL A 29 -47.86 8.82 2.95
C VAL A 29 -49.21 8.50 3.55
N TYR A 30 -50.19 8.29 2.68
CA TYR A 30 -51.59 7.96 3.05
C TYR A 30 -52.03 6.71 2.31
N GLU A 31 -52.88 5.92 2.95
CA GLU A 31 -53.57 4.85 2.21
C GLU A 31 -54.55 5.62 1.34
N GLY A 32 -54.79 5.13 0.14
CA GLY A 32 -55.76 5.78 -0.73
C GLY A 32 -56.43 4.76 -1.61
N ARG A 33 -57.26 5.27 -2.50
CA ARG A 33 -57.91 4.50 -3.58
C ARG A 33 -57.63 5.20 -4.90
N LEU A 34 -57.49 4.41 -5.96
CA LEU A 34 -57.34 4.84 -7.36
C LEU A 34 -58.46 4.19 -8.17
N ARG A 35 -59.33 5.01 -8.75
CA ARG A 35 -60.45 4.55 -9.62
C ARG A 35 -59.98 4.44 -11.08
N GLN A 61 -63.86 -0.78 -10.87
CA GLN A 61 -62.74 -1.27 -10.02
C GLN A 61 -61.96 -0.08 -9.46
N GLU A 62 -62.00 0.13 -8.15
CA GLU A 62 -60.96 0.91 -7.45
C GLU A 62 -59.79 0.01 -7.10
N LEU A 63 -58.67 0.64 -6.74
CA LEU A 63 -57.47 -0.05 -6.25
C LEU A 63 -56.98 0.62 -4.98
N ARG A 64 -56.62 -0.18 -3.98
CA ARG A 64 -55.86 0.25 -2.80
C ARG A 64 -54.47 0.69 -3.28
N VAL A 65 -54.10 1.92 -2.96
CA VAL A 65 -52.81 2.50 -3.36
C VAL A 65 -52.22 3.24 -2.16
N VAL A 66 -51.03 3.79 -2.32
CA VAL A 66 -50.60 4.82 -1.36
C VAL A 66 -50.47 6.12 -2.16
N LEU A 67 -50.72 7.22 -1.48
CA LEU A 67 -50.60 8.61 -1.98
C LEU A 67 -49.45 9.22 -1.21
N LYS A 68 -48.40 9.63 -1.95
CA LYS A 68 -47.26 10.31 -1.36
C LYS A 68 -47.38 11.79 -1.70
N VAL A 69 -47.76 12.61 -0.73
CA VAL A 69 -48.10 14.04 -0.96
C VAL A 69 -46.86 14.88 -0.68
N LEU A 70 -46.31 15.53 -1.71
CA LEU A 70 -45.12 16.36 -1.54
C LEU A 70 -45.51 17.60 -0.73
N ASP A 71 -44.72 17.88 0.28
CA ASP A 71 -44.89 19.11 1.10
C ASP A 71 -44.81 20.32 0.18
N PRO A 72 -45.45 21.45 0.55
CA PRO A 72 -45.14 22.75 -0.05
C PRO A 72 -43.64 22.84 -0.32
N SER A 73 -43.25 22.93 -1.59
CA SER A 73 -41.82 22.90 -1.94
C SER A 73 -41.57 23.82 -3.12
N HIS A 74 -40.33 24.24 -3.22
CA HIS A 74 -39.77 24.94 -4.39
C HIS A 74 -39.74 24.00 -5.62
N HIS A 75 -39.73 24.59 -6.80
CA HIS A 75 -39.62 23.90 -8.10
C HIS A 75 -38.54 22.79 -8.06
N ASP A 76 -37.38 23.06 -7.47
CA ASP A 76 -36.23 22.10 -7.55
C ASP A 76 -36.52 20.81 -6.75
N ILE A 77 -37.24 20.88 -5.63
CA ILE A 77 -37.68 19.66 -4.90
C ILE A 77 -38.71 18.93 -5.78
N ALA A 78 -39.75 19.64 -6.23
CA ALA A 78 -40.81 19.07 -7.11
C ALA A 78 -40.18 18.40 -8.33
N LEU A 79 -39.17 19.00 -8.98
CA LEU A 79 -38.48 18.41 -10.18
C LEU A 79 -37.89 17.06 -9.77
N ALA A 80 -37.22 16.99 -8.61
CA ALA A 80 -36.54 15.75 -8.13
C ALA A 80 -37.61 14.69 -7.82
N PHE A 81 -38.74 15.10 -7.28
CA PHE A 81 -39.92 14.20 -7.04
C PHE A 81 -40.46 13.60 -8.35
N TYR A 82 -40.70 14.45 -9.35
CA TYR A 82 -41.18 14.02 -10.71
C TYR A 82 -40.12 13.19 -11.47
N GLU A 83 -38.83 13.52 -11.32
CA GLU A 83 -37.73 12.69 -11.87
C GLU A 83 -37.81 11.30 -11.27
N THR A 84 -38.08 11.18 -9.98
CA THR A 84 -38.31 9.85 -9.34
C THR A 84 -39.54 9.15 -9.97
N ALA A 85 -40.70 9.81 -10.08
CA ALA A 85 -41.90 9.19 -10.70
C ALA A 85 -41.52 8.64 -12.08
N SER A 86 -40.85 9.48 -12.86
CA SER A 86 -40.41 9.20 -14.24
C SER A 86 -39.53 7.96 -14.28
N LEU A 87 -38.53 7.88 -13.40
CA LEU A 87 -37.60 6.73 -13.31
C LEU A 87 -38.40 5.46 -13.04
N MET A 88 -39.20 5.49 -11.97
CA MET A 88 -39.95 4.28 -11.53
C MET A 88 -41.00 3.90 -12.57
N SER A 89 -41.50 4.85 -13.34
CA SER A 89 -42.57 4.59 -14.34
C SER A 89 -41.98 3.89 -15.54
N GLN A 90 -40.66 3.81 -15.64
CA GLN A 90 -40.06 3.27 -16.88
C GLN A 90 -39.32 1.96 -16.61
N VAL A 91 -39.27 1.51 -15.36
CA VAL A 91 -38.67 0.22 -14.99
C VAL A 91 -39.75 -0.76 -14.57
N SER A 92 -39.44 -2.04 -14.67
CA SER A 92 -40.26 -3.12 -14.09
C SER A 92 -39.33 -4.17 -13.53
N HIS A 93 -39.75 -4.65 -12.37
CA HIS A 93 -39.14 -5.78 -11.66
C HIS A 93 -40.07 -6.23 -10.56
N THR A 94 -40.14 -7.52 -10.33
CA THR A 94 -41.12 -8.07 -9.37
C THR A 94 -40.78 -7.56 -7.94
N HIS A 95 -39.53 -7.16 -7.68
CA HIS A 95 -39.10 -6.67 -6.34
C HIS A 95 -38.97 -5.13 -6.39
N LEU A 96 -39.56 -4.47 -7.38
CA LEU A 96 -39.73 -2.99 -7.35
C LEU A 96 -41.22 -2.64 -7.28
N ALA A 97 -41.58 -1.74 -6.38
CA ALA A 97 -42.98 -1.26 -6.25
C ALA A 97 -43.35 -0.52 -7.53
N PHE A 98 -44.63 -0.55 -7.83
CA PHE A 98 -45.19 0.08 -9.05
C PHE A 98 -45.54 1.55 -8.76
N VAL A 99 -45.30 2.42 -9.72
CA VAL A 99 -45.80 3.82 -9.63
C VAL A 99 -46.98 3.90 -10.58
N HIS A 100 -48.14 4.27 -10.08
CA HIS A 100 -49.37 4.47 -10.91
C HIS A 100 -49.30 5.79 -11.68
N GLY A 101 -48.72 6.82 -11.11
CA GLY A 101 -48.52 8.11 -11.78
C GLY A 101 -48.48 9.25 -10.79
N VAL A 102 -48.62 10.46 -11.31
CA VAL A 102 -48.57 11.69 -10.48
C VAL A 102 -49.87 12.44 -10.64
N CYS A 103 -50.38 12.99 -9.54
CA CYS A 103 -51.65 13.72 -9.49
C CYS A 103 -51.34 15.12 -8.95
N VAL A 104 -51.89 16.14 -9.59
CA VAL A 104 -51.84 17.53 -9.05
C VAL A 104 -53.21 17.78 -8.44
N ARG A 105 -53.26 17.84 -7.12
CA ARG A 105 -54.49 18.16 -6.38
C ARG A 105 -54.33 19.56 -5.80
N GLY A 106 -54.96 20.54 -6.43
CA GLY A 106 -54.73 21.98 -6.16
C GLY A 106 -53.24 22.28 -6.16
N PRO A 107 -52.70 22.81 -5.03
CA PRO A 107 -51.27 23.14 -4.98
C PRO A 107 -50.37 21.92 -4.73
N GLU A 108 -50.91 20.72 -4.46
CA GLU A 108 -50.16 19.53 -3.99
C GLU A 108 -49.78 18.62 -5.17
N ASN A 109 -48.54 18.17 -5.21
CA ASN A 109 -48.04 17.10 -6.10
C ASN A 109 -48.07 15.78 -5.35
N ILE A 110 -48.66 14.77 -5.97
CA ILE A 110 -48.95 13.49 -5.28
C ILE A 110 -48.50 12.30 -6.13
N MET A 111 -47.55 11.51 -5.64
CA MET A 111 -47.12 10.30 -6.37
C MET A 111 -48.09 9.22 -5.89
N VAL A 112 -48.61 8.43 -6.81
CA VAL A 112 -49.62 7.38 -6.51
C VAL A 112 -48.87 6.07 -6.73
N THR A 113 -48.60 5.34 -5.66
CA THR A 113 -47.69 4.17 -5.74
C THR A 113 -48.40 2.95 -5.16
N GLU A 114 -47.78 1.79 -5.34
CA GLU A 114 -48.27 0.48 -4.87
C GLU A 114 -48.39 0.45 -3.34
N TYR A 115 -49.61 0.19 -2.86
CA TYR A 115 -49.87 -0.22 -1.47
C TYR A 115 -49.32 -1.61 -1.24
N VAL A 116 -48.37 -1.72 -0.33
CA VAL A 116 -47.75 -3.03 -0.05
C VAL A 116 -48.23 -3.46 1.34
N GLU A 117 -48.75 -4.70 1.43
CA GLU A 117 -49.61 -5.16 2.55
C GLU A 117 -49.00 -4.91 3.94
N HIS A 118 -47.81 -5.44 4.22
CA HIS A 118 -47.24 -5.40 5.60
C HIS A 118 -46.33 -4.19 5.83
N GLY A 119 -46.22 -3.27 4.90
CA GLY A 119 -45.60 -1.96 5.11
C GLY A 119 -44.07 -2.09 5.16
N PRO A 120 -43.42 -1.03 5.61
CA PRO A 120 -41.96 -0.98 5.64
C PRO A 120 -41.30 -2.03 6.55
N LEU A 121 -40.14 -2.53 6.11
CA LEU A 121 -39.35 -3.63 6.74
C LEU A 121 -38.70 -3.21 8.05
N ASP A 122 -38.26 -1.97 8.15
CA ASP A 122 -37.52 -1.49 9.36
C ASP A 122 -38.48 -1.53 10.57
N VAL A 123 -39.71 -1.03 10.39
CA VAL A 123 -40.74 -0.99 11.46
C VAL A 123 -41.08 -2.44 11.81
N TRP A 124 -41.25 -3.25 10.77
CA TRP A 124 -41.70 -4.66 10.92
C TRP A 124 -40.68 -5.44 11.74
N LEU A 125 -39.39 -5.28 11.41
CA LEU A 125 -38.29 -6.01 12.08
C LEU A 125 -38.26 -5.57 13.54
N ARG A 126 -38.50 -4.29 13.85
CA ARG A 126 -38.44 -3.79 15.24
C ARG A 126 -39.57 -4.45 16.04
N ARG A 127 -40.71 -4.63 15.41
CA ARG A 127 -41.89 -5.20 16.11
C ARG A 127 -41.68 -6.71 16.30
N GLU A 128 -40.95 -7.37 15.40
CA GLU A 128 -40.78 -8.84 15.39
C GLU A 128 -39.42 -9.21 15.97
N ARG A 129 -38.70 -8.26 16.59
CA ARG A 129 -37.27 -8.50 16.97
C ARG A 129 -37.13 -9.75 17.84
N GLY A 130 -36.09 -10.52 17.56
CA GLY A 130 -35.71 -11.70 18.36
C GLY A 130 -36.35 -12.97 17.85
N HIS A 131 -37.27 -12.91 16.88
CA HIS A 131 -37.85 -14.13 16.25
C HIS A 131 -37.94 -14.02 14.71
N VAL A 132 -37.03 -13.31 14.07
CA VAL A 132 -36.98 -13.29 12.58
C VAL A 132 -35.80 -14.18 12.22
N PRO A 133 -36.04 -15.38 11.65
CA PRO A 133 -34.94 -16.28 11.32
C PRO A 133 -34.01 -15.66 10.28
N MET A 134 -32.74 -16.00 10.41
CA MET A 134 -31.64 -15.65 9.49
C MET A 134 -32.01 -16.12 8.08
N ALA A 135 -32.53 -17.34 7.90
CA ALA A 135 -32.87 -17.87 6.56
C ALA A 135 -33.90 -16.94 5.92
N TRP A 136 -34.82 -16.36 6.73
CA TRP A 136 -35.81 -15.36 6.27
C TRP A 136 -35.10 -14.08 5.80
N LYS A 137 -34.16 -13.58 6.59
CA LYS A 137 -33.41 -12.37 6.21
C LYS A 137 -32.66 -12.64 4.90
N MET A 138 -32.15 -13.84 4.73
CA MET A 138 -31.30 -14.16 3.54
C MET A 138 -32.20 -14.12 2.30
N VAL A 139 -33.44 -14.58 2.41
CA VAL A 139 -34.37 -14.53 1.26
C VAL A 139 -34.58 -13.05 0.94
N VAL A 140 -34.78 -12.20 1.94
CA VAL A 140 -35.07 -10.77 1.68
C VAL A 140 -33.86 -10.13 0.99
N ALA A 141 -32.65 -10.41 1.47
CA ALA A 141 -31.40 -9.91 0.86
C ALA A 141 -31.34 -10.28 -0.63
N GLN A 142 -31.67 -11.53 -0.93
CA GLN A 142 -31.57 -12.04 -2.32
C GLN A 142 -32.52 -11.26 -3.20
N GLN A 143 -33.76 -11.05 -2.73
CA GLN A 143 -34.82 -10.36 -3.49
C GLN A 143 -34.40 -8.93 -3.72
N LEU A 144 -33.87 -8.30 -2.69
CA LEU A 144 -33.35 -6.91 -2.84
C LEU A 144 -32.20 -6.87 -3.85
N ALA A 145 -31.21 -7.75 -3.76
CA ALA A 145 -30.08 -7.88 -4.72
C ALA A 145 -30.61 -8.16 -6.11
N SER A 146 -31.68 -8.94 -6.25
CA SER A 146 -32.25 -9.19 -7.61
C SER A 146 -32.85 -7.87 -8.14
N ALA A 147 -33.50 -7.07 -7.31
CA ALA A 147 -34.01 -5.76 -7.73
C ALA A 147 -32.84 -4.84 -8.16
N LEU A 148 -31.81 -4.76 -7.33
CA LEU A 148 -30.66 -3.85 -7.60
C LEU A 148 -29.78 -4.41 -8.75
N SER A 149 -29.73 -5.72 -8.97
CA SER A 149 -29.08 -6.30 -10.17
C SER A 149 -29.69 -5.71 -11.44
N TYR A 150 -31.01 -5.71 -11.50
CA TYR A 150 -31.81 -5.20 -12.61
C TYR A 150 -31.49 -3.72 -12.79
N LEU A 151 -31.46 -2.94 -11.70
CA LEU A 151 -31.21 -1.50 -11.87
C LEU A 151 -29.77 -1.32 -12.35
N GLU A 152 -28.84 -2.10 -11.81
CA GLU A 152 -27.42 -2.02 -12.21
C GLU A 152 -27.31 -2.23 -13.72
N ASN A 153 -27.89 -3.32 -14.19
CA ASN A 153 -27.94 -3.68 -15.63
C ASN A 153 -28.46 -2.51 -16.48
N LYS A 154 -29.47 -1.79 -15.97
CA LYS A 154 -30.15 -0.65 -16.61
C LYS A 154 -29.34 0.65 -16.42
N ASN A 155 -28.28 0.58 -15.60
CA ASN A 155 -27.38 1.72 -15.26
C ASN A 155 -28.27 2.83 -14.66
N LEU A 156 -29.25 2.45 -13.80
CA LEU A 156 -30.13 3.42 -13.12
C LEU A 156 -29.85 3.43 -11.60
N VAL A 157 -29.80 4.60 -11.00
CA VAL A 157 -29.54 4.75 -9.54
C VAL A 157 -30.86 4.84 -8.78
N HIS A 158 -30.93 4.11 -7.67
CA HIS A 158 -32.10 4.17 -6.76
C HIS A 158 -31.82 5.32 -5.78
N GLY A 159 -30.72 5.28 -5.05
CA GLY A 159 -30.27 6.42 -4.25
C GLY A 159 -30.90 6.48 -2.86
N ASN A 160 -31.70 5.51 -2.47
CA ASN A 160 -32.27 5.50 -1.11
C ASN A 160 -32.62 4.08 -0.70
N VAL A 161 -31.68 3.17 -0.85
CA VAL A 161 -31.84 1.76 -0.39
C VAL A 161 -31.72 1.77 1.14
N CYS A 162 -32.77 1.39 1.84
CA CYS A 162 -32.81 1.29 3.32
C CYS A 162 -34.04 0.46 3.67
N GLY A 163 -34.09 0.01 4.91
CA GLY A 163 -35.15 -0.87 5.42
C GLY A 163 -36.52 -0.19 5.34
N ARG A 164 -36.58 1.16 5.44
CA ARG A 164 -37.86 1.90 5.37
C ARG A 164 -38.47 1.78 3.97
N ASN A 165 -37.60 1.67 2.95
CA ASN A 165 -38.03 1.61 1.54
C ASN A 165 -38.19 0.17 1.07
N ILE A 166 -38.00 -0.81 1.95
N ILE A 166 -37.97 -0.82 1.96
CA ILE A 166 -38.28 -2.23 1.58
CA ILE A 166 -38.26 -2.25 1.67
C ILE A 166 -39.66 -2.55 2.16
C ILE A 166 -39.67 -2.51 2.17
N LEU A 167 -40.61 -2.83 1.28
CA LEU A 167 -42.02 -3.02 1.67
C LEU A 167 -42.30 -4.52 1.62
N LEU A 168 -42.91 -5.03 2.67
CA LEU A 168 -43.16 -6.47 2.80
C LEU A 168 -44.55 -6.81 2.26
N ALA A 169 -44.57 -7.52 1.12
CA ALA A 169 -45.80 -7.93 0.43
C ALA A 169 -46.32 -9.22 1.06
N ARG A 170 -45.45 -10.16 1.43
CA ARG A 170 -45.84 -11.47 2.01
C ARG A 170 -44.95 -11.75 3.21
N LEU A 171 -45.56 -12.12 4.35
CA LEU A 171 -44.90 -12.27 5.67
C LEU A 171 -43.84 -13.38 5.61
N GLY A 172 -44.18 -14.54 5.06
CA GLY A 172 -43.27 -15.70 4.99
C GLY A 172 -42.70 -16.14 6.32
N LEU A 173 -43.45 -16.05 7.44
CA LEU A 173 -42.97 -16.55 8.75
C LEU A 173 -43.60 -17.92 9.03
N ALA A 174 -44.76 -18.22 8.43
CA ALA A 174 -45.44 -19.52 8.60
C ALA A 174 -44.60 -20.63 7.95
N GLU A 175 -44.61 -21.85 8.51
CA GLU A 175 -43.98 -23.07 7.92
C GLU A 175 -44.36 -23.11 6.42
N GLY A 176 -43.40 -23.34 5.52
CA GLY A 176 -43.67 -23.55 4.07
C GLY A 176 -44.01 -22.28 3.30
N THR A 177 -43.83 -21.10 3.89
CA THR A 177 -43.96 -19.79 3.17
C THR A 177 -42.61 -19.07 3.15
N SER A 178 -42.42 -18.17 2.21
CA SER A 178 -41.25 -17.27 2.17
C SER A 178 -41.74 -15.84 2.02
N PRO A 179 -40.95 -14.87 2.53
CA PRO A 179 -41.33 -13.49 2.35
C PRO A 179 -41.22 -13.06 0.89
N PHE A 180 -41.73 -11.89 0.61
CA PHE A 180 -41.70 -11.21 -0.69
C PHE A 180 -41.71 -9.71 -0.43
N ILE A 181 -40.72 -9.00 -0.99
CA ILE A 181 -40.54 -7.54 -0.79
C ILE A 181 -40.73 -6.83 -2.10
N LYS A 182 -41.00 -5.54 -1.98
CA LYS A 182 -40.99 -4.55 -3.06
C LYS A 182 -40.18 -3.37 -2.56
N LEU A 183 -39.09 -3.05 -3.26
CA LEU A 183 -38.36 -1.77 -3.03
C LEU A 183 -39.23 -0.62 -3.52
N SER A 184 -39.55 0.29 -2.60
CA SER A 184 -40.28 1.55 -2.86
C SER A 184 -39.44 2.44 -3.77
N ASP A 185 -40.13 3.25 -4.56
CA ASP A 185 -39.61 4.51 -5.19
C ASP A 185 -38.75 5.18 -4.13
N PRO A 186 -37.57 5.70 -4.53
CA PRO A 186 -36.60 6.34 -3.62
C PRO A 186 -37.05 7.69 -3.04
N GLY A 187 -38.21 8.20 -3.48
CA GLY A 187 -38.82 9.47 -3.03
C GLY A 187 -38.14 10.64 -3.71
N VAL A 188 -38.18 11.81 -3.07
CA VAL A 188 -37.51 13.01 -3.64
C VAL A 188 -36.05 12.61 -3.94
N GLY A 189 -35.62 12.80 -5.19
CA GLY A 189 -34.25 12.50 -5.67
C GLY A 189 -33.17 13.00 -4.71
N LEU A 190 -32.20 12.16 -4.39
CA LEU A 190 -31.14 12.52 -3.40
C LEU A 190 -30.39 13.81 -3.82
N GLY A 191 -30.25 14.06 -5.11
CA GLY A 191 -29.51 15.22 -5.62
C GLY A 191 -30.10 16.54 -5.14
N ALA A 192 -31.37 16.58 -4.72
CA ALA A 192 -32.07 17.84 -4.39
C ALA A 192 -32.06 18.09 -2.88
N LEU A 193 -31.70 17.07 -2.09
CA LEU A 193 -31.81 17.07 -0.61
C LEU A 193 -30.70 17.90 -0.01
N SER A 194 -30.98 18.42 1.17
CA SER A 194 -30.07 19.26 1.97
C SER A 194 -28.95 18.43 2.61
N ARG A 195 -27.91 19.12 3.04
CA ARG A 195 -26.79 18.50 3.79
C ARG A 195 -27.36 17.76 5.01
N GLU A 196 -28.30 18.39 5.72
CA GLU A 196 -28.83 17.84 6.98
C GLU A 196 -29.57 16.56 6.65
N GLU A 197 -30.36 16.56 5.58
CA GLU A 197 -31.04 15.32 5.13
C GLU A 197 -30.02 14.23 4.75
N ARG A 198 -28.96 14.55 4.04
CA ARG A 198 -27.94 13.53 3.68
C ARG A 198 -27.34 12.96 4.97
N VAL A 199 -27.01 13.81 5.95
CA VAL A 199 -26.46 13.35 7.25
C VAL A 199 -27.48 12.41 7.92
N GLU A 200 -28.78 12.73 7.85
CA GLU A 200 -29.82 11.95 8.55
C GLU A 200 -29.83 10.54 7.93
N ARG A 201 -29.41 10.42 6.67
CA ARG A 201 -29.39 9.12 5.94
C ARG A 201 -28.11 8.34 6.18
N ILE A 202 -27.18 8.83 6.99
CA ILE A 202 -26.03 7.99 7.35
C ILE A 202 -26.63 6.90 8.26
N PRO A 203 -26.30 5.60 8.10
CA PRO A 203 -25.21 5.12 7.24
C PRO A 203 -25.61 4.55 5.88
N TRP A 204 -26.87 4.71 5.49
CA TRP A 204 -27.36 4.22 4.19
C TRP A 204 -26.68 5.05 3.10
N LEU A 205 -26.50 6.34 3.34
CA LEU A 205 -25.90 7.31 2.40
C LEU A 205 -24.44 6.92 2.14
N ALA A 206 -24.12 6.65 0.88
CA ALA A 206 -22.71 6.42 0.48
C ALA A 206 -21.88 7.66 0.80
N PRO A 207 -20.64 7.50 1.32
CA PRO A 207 -19.85 8.61 1.83
C PRO A 207 -19.47 9.65 0.74
N GLU A 208 -19.39 9.21 -0.52
CA GLU A 208 -19.14 10.11 -1.68
C GLU A 208 -20.35 11.01 -1.91
N CYS A 209 -21.51 10.69 -1.37
CA CYS A 209 -22.72 11.53 -1.54
C CYS A 209 -22.81 12.60 -0.45
N LEU A 210 -21.98 12.58 0.58
CA LEU A 210 -22.15 13.56 1.68
C LEU A 210 -21.81 14.98 1.21
N PRO A 211 -20.68 15.25 0.49
CA PRO A 211 -20.34 16.62 0.07
C PRO A 211 -21.36 17.39 -0.78
N LEU A 217 -23.27 10.55 -8.85
CA LEU A 217 -24.65 10.00 -9.02
C LEU A 217 -24.57 8.66 -9.79
N SER A 218 -23.85 7.68 -9.21
CA SER A 218 -23.41 6.40 -9.83
C SER A 218 -24.14 5.22 -9.16
N THR A 219 -24.30 4.05 -9.80
CA THR A 219 -25.00 2.91 -9.15
C THR A 219 -24.17 2.41 -7.96
N ALA A 220 -22.86 2.73 -7.92
CA ALA A 220 -21.94 2.41 -6.80
C ALA A 220 -22.57 2.76 -5.44
N MET A 221 -23.32 3.86 -5.34
CA MET A 221 -23.88 4.34 -4.04
C MET A 221 -24.91 3.31 -3.53
N ASP A 222 -25.53 2.56 -4.44
CA ASP A 222 -26.57 1.56 -4.07
C ASP A 222 -25.92 0.30 -3.53
N LYS A 223 -24.65 0.06 -3.84
CA LYS A 223 -23.91 -1.07 -3.24
C LYS A 223 -23.71 -0.73 -1.76
N TRP A 224 -23.33 0.50 -1.44
CA TRP A 224 -23.15 0.97 -0.04
C TRP A 224 -24.53 0.93 0.62
N GLY A 225 -25.57 1.47 -0.01
CA GLY A 225 -26.91 1.46 0.63
C GLY A 225 -27.34 0.04 0.96
N PHE A 226 -27.07 -0.90 0.06
CA PHE A 226 -27.40 -2.33 0.22
C PHE A 226 -26.63 -2.94 1.39
N GLY A 227 -25.32 -2.72 1.49
CA GLY A 227 -24.56 -3.19 2.65
C GLY A 227 -25.15 -2.67 3.96
N ALA A 228 -25.47 -1.37 4.04
CA ALA A 228 -25.99 -0.75 5.27
C ALA A 228 -27.38 -1.35 5.57
N THR A 229 -28.16 -1.68 4.53
CA THR A 229 -29.50 -2.27 4.70
C THR A 229 -29.35 -3.71 5.16
N LEU A 230 -28.34 -4.43 4.68
CA LEU A 230 -28.00 -5.78 5.21
C LEU A 230 -27.73 -5.69 6.72
N LEU A 231 -27.02 -4.65 7.18
CA LEU A 231 -26.71 -4.54 8.62
C LEU A 231 -28.02 -4.28 9.37
N GLU A 232 -28.80 -3.35 8.87
CA GLU A 232 -30.09 -2.95 9.47
C GLU A 232 -30.94 -4.22 9.62
N ILE A 233 -30.97 -5.07 8.60
CA ILE A 233 -31.79 -6.32 8.63
C ILE A 233 -31.24 -7.32 9.64
N CSO A 234 -29.91 -7.54 9.61
CA CSO A 234 -29.28 -8.45 10.56
CB CSO A 234 -27.75 -8.56 10.40
SG CSO A 234 -27.16 -9.37 8.88
C CSO A 234 -29.62 -8.03 11.97
O CSO A 234 -29.85 -8.89 12.82
OD CSO A 234 -28.08 -10.75 8.73
N PHE A 235 -29.67 -6.70 12.20
CA PHE A 235 -29.87 -6.15 13.54
C PHE A 235 -31.34 -5.86 13.82
N ASP A 236 -32.26 -6.54 13.12
CA ASP A 236 -33.73 -6.49 13.40
C ASP A 236 -34.20 -5.03 13.38
N GLY A 237 -33.75 -4.26 12.39
CA GLY A 237 -34.24 -2.91 12.07
C GLY A 237 -33.58 -1.84 12.92
N GLU A 238 -32.50 -2.16 13.62
CA GLU A 238 -31.63 -1.15 14.28
C GLU A 238 -30.40 -0.87 13.39
N ALA A 239 -30.41 0.20 12.62
CA ALA A 239 -29.26 0.53 11.74
C ALA A 239 -28.12 1.01 12.61
N PRO A 240 -26.86 0.59 12.36
CA PRO A 240 -25.71 1.19 13.05
C PRO A 240 -25.74 2.73 12.96
N LEU A 241 -25.34 3.41 14.03
CA LEU A 241 -25.12 4.88 14.08
C LEU A 241 -26.43 5.67 14.17
N GLN A 242 -27.62 5.03 14.09
CA GLN A 242 -28.91 5.78 14.03
C GLN A 242 -29.18 6.61 15.27
N SER A 243 -28.73 6.19 16.43
CA SER A 243 -29.03 6.90 17.67
C SER A 243 -27.95 7.99 17.91
N ARG A 244 -27.05 8.23 16.95
CA ARG A 244 -25.96 9.24 17.13
C ARG A 244 -26.43 10.58 16.59
N SER A 245 -25.82 11.66 17.08
CA SER A 245 -26.11 13.04 16.60
C SER A 245 -25.66 13.25 15.15
N PRO A 246 -26.18 14.30 14.48
CA PRO A 246 -25.67 14.66 13.16
C PRO A 246 -24.14 14.86 13.13
N SER A 247 -23.54 15.56 14.09
CA SER A 247 -22.09 15.81 14.09
C SER A 247 -21.34 14.49 14.26
N GLU A 248 -21.86 13.62 15.11
CA GLU A 248 -21.27 12.28 15.38
C GLU A 248 -21.30 11.44 14.10
N LYS A 249 -22.42 11.43 13.40
CA LYS A 249 -22.55 10.68 12.11
C LYS A 249 -21.57 11.27 11.09
N GLU A 250 -21.49 12.59 11.01
CA GLU A 250 -20.57 13.30 10.07
C GLU A 250 -19.12 12.97 10.45
N HIS A 251 -18.80 12.94 11.75
CA HIS A 251 -17.44 12.59 12.28
C HIS A 251 -17.04 11.18 11.86
N PHE A 252 -17.93 10.22 11.98
CA PHE A 252 -17.66 8.81 11.58
C PHE A 252 -17.22 8.73 10.11
N TYR A 253 -17.93 9.41 9.22
CA TYR A 253 -17.57 9.44 7.77
C TYR A 253 -16.28 10.23 7.56
N GLN A 254 -16.11 11.33 8.28
CA GLN A 254 -14.89 12.18 8.17
C GLN A 254 -13.65 11.33 8.41
N ARG A 255 -13.69 10.42 9.38
CA ARG A 255 -12.51 9.62 9.83
C ARG A 255 -12.49 8.31 9.02
N GLN A 256 -13.41 8.14 8.10
CA GLN A 256 -13.56 6.90 7.28
C GLN A 256 -13.55 5.66 8.19
N HIS A 257 -14.33 5.72 9.26
CA HIS A 257 -14.40 4.66 10.28
C HIS A 257 -15.14 3.45 9.70
N ARG A 258 -14.72 2.22 9.98
CA ARG A 258 -15.34 1.01 9.38
C ARG A 258 -16.68 0.74 10.07
N LEU A 259 -17.71 0.43 9.30
CA LEU A 259 -19.03 0.10 9.86
C LEU A 259 -18.95 -1.28 10.53
N PRO A 260 -19.83 -1.59 11.50
CA PRO A 260 -19.75 -2.87 12.21
C PRO A 260 -20.00 -4.06 11.28
N GLU A 261 -19.62 -5.25 11.77
CA GLU A 261 -19.75 -6.55 11.09
C GLU A 261 -21.07 -7.18 11.52
N PRO A 262 -21.84 -7.77 10.60
CA PRO A 262 -23.13 -8.38 10.93
C PRO A 262 -23.03 -9.76 11.61
N LEU A 267 -22.65 -12.94 5.99
CA LEU A 267 -22.90 -11.63 5.35
C LEU A 267 -21.68 -10.70 5.52
N ALA A 268 -20.74 -11.03 6.41
CA ALA A 268 -19.69 -10.12 6.94
C ALA A 268 -18.68 -9.73 5.84
N THR A 269 -18.09 -10.69 5.13
CA THR A 269 -17.25 -10.45 3.93
C THR A 269 -18.02 -9.52 2.98
N LEU A 270 -19.30 -9.85 2.78
CA LEU A 270 -20.19 -9.14 1.82
C LEU A 270 -20.45 -7.70 2.29
N THR A 271 -20.91 -7.48 3.53
CA THR A 271 -21.19 -6.10 4.02
C THR A 271 -19.90 -5.28 3.93
N SER A 272 -18.76 -5.86 4.32
CA SER A 272 -17.44 -5.17 4.28
C SER A 272 -17.16 -4.64 2.87
N GLN A 273 -17.26 -5.53 1.89
CA GLN A 273 -17.05 -5.26 0.45
C GLN A 273 -17.97 -4.12 -0.01
N CYS A 274 -19.25 -4.18 0.34
CA CYS A 274 -20.22 -3.13 0.02
C CYS A 274 -19.88 -1.82 0.73
N LEU A 275 -19.42 -1.91 1.98
CA LEU A 275 -19.25 -0.73 2.87
C LEU A 275 -17.79 -0.30 2.81
N THR A 276 -17.28 -0.24 1.59
CA THR A 276 -15.93 0.24 1.25
C THR A 276 -16.07 1.73 0.88
N TYR A 277 -15.23 2.59 1.44
CA TYR A 277 -15.28 4.06 1.20
C TYR A 277 -14.96 4.34 -0.28
N GLU A 278 -14.06 3.58 -0.91
CA GLU A 278 -13.75 3.74 -2.38
C GLU A 278 -14.85 3.11 -3.21
N PRO A 279 -15.65 3.92 -3.93
CA PRO A 279 -16.80 3.36 -4.64
C PRO A 279 -16.41 2.31 -5.69
N THR A 280 -15.27 2.47 -6.36
CA THR A 280 -14.93 1.55 -7.50
C THR A 280 -14.55 0.17 -6.98
N GLN A 281 -14.38 0.03 -5.67
CA GLN A 281 -14.00 -1.23 -4.99
C GLN A 281 -15.22 -2.06 -4.59
N ARG A 282 -16.43 -1.51 -4.69
CA ARG A 282 -17.60 -2.26 -4.18
C ARG A 282 -17.94 -3.29 -5.27
N PRO A 283 -18.36 -4.50 -4.87
CA PRO A 283 -18.63 -5.57 -5.83
C PRO A 283 -19.83 -5.22 -6.73
N SER A 284 -19.91 -5.80 -7.94
CA SER A 284 -21.14 -5.74 -8.76
C SER A 284 -22.29 -6.50 -8.07
N PHE A 285 -23.55 -6.19 -8.42
CA PHE A 285 -24.70 -6.99 -7.95
C PHE A 285 -24.64 -8.39 -8.55
N ARG A 286 -23.96 -8.56 -9.69
CA ARG A 286 -23.76 -9.92 -10.23
C ARG A 286 -23.01 -10.75 -9.21
N THR A 287 -21.94 -10.18 -8.65
CA THR A 287 -21.15 -10.86 -7.59
C THR A 287 -21.99 -10.98 -6.32
N ILE A 288 -22.57 -9.89 -5.86
CA ILE A 288 -23.38 -9.90 -4.61
C ILE A 288 -24.44 -11.02 -4.72
N LEU A 289 -25.14 -11.10 -5.85
CA LEU A 289 -26.26 -12.09 -6.02
C LEU A 289 -25.69 -13.52 -6.03
N ARG A 290 -24.60 -13.77 -6.75
CA ARG A 290 -23.97 -15.11 -6.78
C ARG A 290 -23.62 -15.48 -5.34
N ASP A 291 -22.95 -14.56 -4.63
CA ASP A 291 -22.52 -14.76 -3.23
C ASP A 291 -23.73 -15.13 -2.34
N LEU A 292 -24.92 -14.53 -2.54
CA LEU A 292 -26.10 -14.70 -1.65
C LEU A 292 -26.81 -16.04 -1.91
N THR A 293 -26.48 -16.78 -2.98
CA THR A 293 -27.15 -18.02 -3.45
C THR A 293 -26.16 -19.20 -3.47
N GLN B 4 -6.03 2.84 -5.79
CA GLN B 4 -5.42 1.69 -5.02
C GLN B 4 -3.94 1.49 -5.39
N LEU B 5 -3.48 2.03 -6.53
CA LEU B 5 -2.08 1.88 -7.06
C LEU B 5 -1.28 3.16 -6.84
N SER B 6 0.04 3.07 -6.68
CA SER B 6 0.91 4.25 -6.50
C SER B 6 2.25 4.00 -7.15
N PHE B 7 2.61 4.80 -8.15
CA PHE B 7 3.92 4.78 -8.85
C PHE B 7 4.11 6.17 -9.47
N HIS B 8 5.35 6.54 -9.73
N HIS B 8 5.34 6.58 -9.72
CA HIS B 8 5.74 7.82 -10.40
CA HIS B 8 5.66 7.88 -10.36
C HIS B 8 5.30 7.80 -11.86
C HIS B 8 5.33 7.82 -11.85
N ARG B 9 4.71 8.89 -12.35
CA ARG B 9 4.47 9.06 -13.80
C ARG B 9 5.73 9.69 -14.37
N VAL B 10 6.21 9.08 -15.44
CA VAL B 10 7.44 9.55 -16.15
C VAL B 10 6.95 10.20 -17.44
N ASP B 11 7.35 11.45 -17.63
CA ASP B 11 7.09 12.23 -18.85
C ASP B 11 7.94 11.65 -19.99
N GLN B 12 7.36 11.56 -21.18
CA GLN B 12 8.06 11.04 -22.39
C GLN B 12 9.31 11.87 -22.73
N LYS B 13 9.30 13.18 -22.49
CA LYS B 13 10.46 14.05 -22.78
C LYS B 13 11.63 13.67 -21.85
N GLU B 14 11.38 12.99 -20.73
CA GLU B 14 12.42 12.57 -19.75
C GLU B 14 13.12 11.28 -20.21
N ILE B 15 12.66 10.57 -21.25
CA ILE B 15 13.25 9.23 -21.57
C ILE B 15 13.75 9.20 -23.00
N THR B 16 14.89 8.57 -23.17
CA THR B 16 15.54 8.25 -24.46
C THR B 16 15.59 6.72 -24.59
N GLN B 17 15.08 6.19 -25.68
CA GLN B 17 15.20 4.76 -26.01
C GLN B 17 16.48 4.49 -26.84
N LEU B 18 17.31 3.56 -26.37
CA LEU B 18 18.57 3.12 -27.01
C LEU B 18 18.34 1.67 -27.48
N SER B 19 19.30 0.77 -27.37
CA SER B 19 19.28 -0.51 -28.12
C SER B 19 18.35 -1.53 -27.47
N HIS B 20 17.70 -2.36 -28.29
CA HIS B 20 16.87 -3.51 -27.91
C HIS B 20 17.74 -4.53 -27.17
N LEU B 21 17.25 -5.03 -26.03
CA LEU B 21 17.92 -6.03 -25.16
C LEU B 21 17.21 -7.38 -25.19
N GLY B 22 15.91 -7.40 -25.37
CA GLY B 22 15.23 -8.69 -25.56
C GLY B 22 13.77 -8.50 -25.30
N GLN B 23 13.07 -9.62 -25.16
CA GLN B 23 11.61 -9.60 -24.91
C GLN B 23 11.38 -10.05 -23.47
N GLY B 24 10.32 -9.53 -22.85
CA GLY B 24 9.69 -10.13 -21.67
C GLY B 24 8.26 -10.50 -22.02
N THR B 25 7.50 -10.92 -21.02
CA THR B 25 6.09 -11.28 -21.20
C THR B 25 5.36 -10.01 -21.64
N ARG B 26 4.89 -10.04 -22.88
CA ARG B 26 4.17 -8.94 -23.55
C ARG B 26 4.94 -7.62 -23.53
N THR B 27 6.28 -7.64 -23.51
CA THR B 27 7.09 -6.39 -23.53
C THR B 27 8.34 -6.54 -24.41
N ASN B 28 8.86 -5.40 -24.82
CA ASN B 28 10.22 -5.25 -25.37
C ASN B 28 11.06 -4.43 -24.42
N VAL B 29 12.27 -4.92 -24.16
CA VAL B 29 13.22 -4.27 -23.19
C VAL B 29 14.34 -3.59 -23.96
N TYR B 30 14.53 -2.29 -23.69
CA TYR B 30 15.58 -1.45 -24.36
C TYR B 30 16.48 -0.85 -23.27
N GLU B 31 17.75 -0.68 -23.57
CA GLU B 31 18.56 0.26 -22.73
C GLU B 31 17.95 1.66 -22.98
N GLY B 32 18.04 2.54 -21.99
CA GLY B 32 17.56 3.90 -22.14
C GLY B 32 18.29 4.84 -21.22
N ARG B 33 17.91 6.09 -21.33
CA ARG B 33 18.34 7.17 -20.42
C ARG B 33 17.08 7.76 -19.79
N LEU B 34 17.17 8.09 -18.50
CA LEU B 34 16.18 8.87 -17.71
C LEU B 34 16.82 10.16 -17.21
N ARG B 35 16.25 11.31 -17.60
CA ARG B 35 16.72 12.65 -17.17
C ARG B 35 15.99 13.15 -15.94
N GLN B 61 20.83 15.34 -14.56
CA GLN B 61 21.46 14.00 -14.60
C GLN B 61 20.79 13.16 -15.69
N GLU B 62 21.58 12.36 -16.42
CA GLU B 62 21.14 11.38 -17.45
C GLU B 62 21.40 9.98 -16.91
N LEU B 63 20.43 9.28 -16.29
CA LEU B 63 20.67 7.94 -15.67
C LEU B 63 20.41 6.83 -16.69
N ARG B 64 21.31 5.85 -16.74
CA ARG B 64 21.09 4.58 -17.52
C ARG B 64 19.97 3.78 -16.86
N VAL B 65 18.97 3.40 -17.66
CA VAL B 65 17.80 2.63 -17.19
C VAL B 65 17.48 1.54 -18.22
N VAL B 66 16.45 0.74 -17.95
CA VAL B 66 15.83 -0.08 -19.03
C VAL B 66 14.40 0.45 -19.19
N LEU B 67 13.91 0.40 -20.40
CA LEU B 67 12.56 0.81 -20.82
C LEU B 67 11.83 -0.45 -21.23
N LYS B 68 10.76 -0.77 -20.54
CA LYS B 68 10.00 -2.00 -20.86
C LYS B 68 8.70 -1.56 -21.53
N VAL B 69 8.65 -1.75 -22.83
CA VAL B 69 7.54 -1.22 -23.67
C VAL B 69 6.49 -2.31 -23.81
N LEU B 70 5.30 -2.03 -23.33
CA LEU B 70 4.23 -3.02 -23.33
C LEU B 70 3.72 -3.12 -24.78
N ASP B 71 3.48 -4.33 -25.22
CA ASP B 71 2.71 -4.60 -26.45
C ASP B 71 1.39 -3.81 -26.47
N PRO B 72 0.81 -3.57 -27.68
CA PRO B 72 -0.57 -3.12 -27.75
C PRO B 72 -1.37 -4.15 -26.96
N SER B 73 -2.22 -3.68 -26.05
CA SER B 73 -2.83 -4.57 -25.04
C SER B 73 -4.25 -4.10 -24.72
N HIS B 74 -5.07 -5.09 -24.34
CA HIS B 74 -6.35 -4.89 -23.64
C HIS B 74 -6.08 -4.11 -22.36
N HIS B 75 -7.01 -3.26 -21.95
CA HIS B 75 -6.98 -2.46 -20.69
C HIS B 75 -6.51 -3.34 -19.52
N ASP B 76 -6.88 -4.63 -19.52
CA ASP B 76 -6.68 -5.54 -18.36
C ASP B 76 -5.19 -5.86 -18.18
N ILE B 77 -4.47 -5.93 -19.30
CA ILE B 77 -3.01 -6.20 -19.27
C ILE B 77 -2.29 -4.94 -18.80
N ALA B 78 -2.65 -3.80 -19.37
CA ALA B 78 -2.11 -2.48 -18.98
C ALA B 78 -2.31 -2.26 -17.49
N LEU B 79 -3.48 -2.64 -16.95
CA LEU B 79 -3.75 -2.50 -15.50
C LEU B 79 -2.78 -3.41 -14.70
N ALA B 80 -2.57 -4.66 -15.15
CA ALA B 80 -1.67 -5.65 -14.51
C ALA B 80 -0.23 -5.13 -14.54
N PHE B 81 0.10 -4.43 -15.63
CA PHE B 81 1.39 -3.73 -15.82
C PHE B 81 1.52 -2.69 -14.70
N TYR B 82 0.55 -1.81 -14.57
CA TYR B 82 0.56 -0.72 -13.55
C TYR B 82 0.57 -1.27 -12.11
N GLU B 83 -0.14 -2.37 -11.86
CA GLU B 83 -0.13 -3.07 -10.56
C GLU B 83 1.29 -3.54 -10.23
N THR B 84 2.04 -4.04 -11.22
CA THR B 84 3.47 -4.42 -11.00
C THR B 84 4.27 -3.15 -10.64
N ALA B 85 4.06 -2.04 -11.34
CA ALA B 85 4.78 -0.77 -11.07
C ALA B 85 4.49 -0.38 -9.61
N SER B 86 3.21 -0.43 -9.22
CA SER B 86 2.72 -0.09 -7.87
C SER B 86 3.31 -0.99 -6.79
N LEU B 87 3.34 -2.31 -7.00
CA LEU B 87 4.02 -3.28 -6.08
C LEU B 87 5.49 -2.85 -5.88
N MET B 88 6.25 -2.77 -6.97
CA MET B 88 7.71 -2.55 -6.91
C MET B 88 7.99 -1.15 -6.34
N SER B 89 7.07 -0.20 -6.50
CA SER B 89 7.23 1.21 -6.05
C SER B 89 7.00 1.30 -4.54
N GLN B 90 6.35 0.31 -3.89
CA GLN B 90 6.08 0.35 -2.43
C GLN B 90 7.13 -0.47 -1.67
N VAL B 91 8.07 -1.11 -2.34
CA VAL B 91 9.04 -2.00 -1.68
C VAL B 91 10.47 -1.52 -1.96
N SER B 92 11.35 -1.88 -1.04
CA SER B 92 12.83 -1.64 -1.12
C SER B 92 13.53 -2.82 -0.51
N HIS B 93 14.53 -3.30 -1.22
CA HIS B 93 15.49 -4.29 -0.74
C HIS B 93 16.66 -4.22 -1.69
N THR B 94 17.84 -4.49 -1.17
CA THR B 94 19.08 -4.29 -1.98
C THR B 94 19.15 -5.35 -3.09
N HIS B 95 18.50 -6.51 -2.92
CA HIS B 95 18.39 -7.52 -4.00
C HIS B 95 17.05 -7.46 -4.74
N LEU B 96 16.31 -6.36 -4.63
CA LEU B 96 15.19 -6.04 -5.57
C LEU B 96 15.60 -4.90 -6.50
N ALA B 97 15.32 -5.06 -7.77
CA ALA B 97 15.55 -4.00 -8.79
C ALA B 97 14.66 -2.80 -8.50
N PHE B 98 15.15 -1.58 -8.74
CA PHE B 98 14.35 -0.33 -8.63
C PHE B 98 13.42 -0.13 -9.83
N VAL B 99 12.18 0.31 -9.60
CA VAL B 99 11.30 0.80 -10.71
C VAL B 99 11.20 2.32 -10.56
N HIS B 100 11.50 3.06 -11.63
CA HIS B 100 11.51 4.56 -11.65
C HIS B 100 10.10 5.09 -11.89
N GLY B 101 9.28 4.37 -12.64
CA GLY B 101 7.90 4.79 -12.85
C GLY B 101 7.38 4.25 -14.17
N VAL B 102 6.27 4.84 -14.61
CA VAL B 102 5.58 4.46 -15.87
C VAL B 102 5.39 5.72 -16.68
N CYS B 103 5.74 5.62 -17.94
CA CYS B 103 5.50 6.65 -18.95
C CYS B 103 4.32 6.21 -19.83
N VAL B 104 3.24 7.00 -19.89
CA VAL B 104 2.10 6.81 -20.86
C VAL B 104 2.32 7.77 -22.03
N ARG B 105 2.24 7.25 -23.26
CA ARG B 105 2.19 7.98 -24.55
C ARG B 105 0.94 7.54 -25.31
N GLY B 106 -0.24 7.87 -24.78
CA GLY B 106 -1.56 7.50 -25.30
C GLY B 106 -1.88 6.04 -25.01
N PRO B 107 -1.87 5.13 -26.03
CA PRO B 107 -2.17 3.71 -25.81
C PRO B 107 -0.88 2.96 -25.39
N GLU B 108 0.26 3.63 -25.49
CA GLU B 108 1.60 3.04 -25.24
C GLU B 108 2.05 3.23 -23.79
N ASN B 109 2.44 2.13 -23.12
CA ASN B 109 2.91 2.11 -21.71
C ASN B 109 4.37 1.65 -21.64
N ILE B 110 5.17 2.35 -20.86
CA ILE B 110 6.63 2.05 -20.73
C ILE B 110 7.01 2.03 -19.25
N MET B 111 7.34 0.86 -18.72
CA MET B 111 7.87 0.78 -17.35
C MET B 111 9.37 1.13 -17.39
N VAL B 112 9.79 2.08 -16.58
CA VAL B 112 11.21 2.52 -16.53
C VAL B 112 11.84 1.87 -15.32
N THR B 113 12.89 1.08 -15.52
CA THR B 113 13.35 0.23 -14.42
C THR B 113 14.86 0.19 -14.39
N GLU B 114 15.40 -0.35 -13.32
CA GLU B 114 16.88 -0.37 -13.11
C GLU B 114 17.60 -1.14 -14.21
N TYR B 115 18.57 -0.49 -14.84
CA TYR B 115 19.59 -1.19 -15.66
C TYR B 115 20.59 -1.89 -14.74
N VAL B 116 20.76 -3.18 -14.94
CA VAL B 116 21.68 -3.96 -14.10
C VAL B 116 22.78 -4.50 -14.97
N GLU B 117 23.99 -4.16 -14.59
CA GLU B 117 25.16 -4.19 -15.53
C GLU B 117 25.27 -5.47 -16.38
N HIS B 118 25.25 -6.66 -15.77
CA HIS B 118 25.57 -7.92 -16.52
C HIS B 118 24.35 -8.71 -16.99
N GLY B 119 23.16 -8.21 -16.79
CA GLY B 119 22.00 -8.73 -17.55
C GLY B 119 21.43 -9.95 -16.83
N PRO B 120 20.43 -10.59 -17.46
CA PRO B 120 19.76 -11.79 -16.93
C PRO B 120 20.67 -12.99 -16.65
N LEU B 121 20.43 -13.69 -15.54
CA LEU B 121 21.30 -14.75 -15.01
C LEU B 121 21.15 -16.05 -15.83
N ASP B 122 20.01 -16.28 -16.49
CA ASP B 122 19.85 -17.54 -17.25
C ASP B 122 20.81 -17.46 -18.45
N VAL B 123 20.80 -16.32 -19.13
N VAL B 123 20.81 -16.33 -19.16
CA VAL B 123 21.62 -16.09 -20.34
CA VAL B 123 21.65 -16.13 -20.37
C VAL B 123 23.09 -16.11 -19.93
C VAL B 123 23.11 -16.13 -19.94
N TRP B 124 23.41 -15.52 -18.78
CA TRP B 124 24.82 -15.47 -18.29
C TRP B 124 25.35 -16.88 -17.94
N LEU B 125 24.60 -17.70 -17.19
CA LEU B 125 25.05 -19.05 -16.76
C LEU B 125 25.25 -19.92 -18.03
N ARG B 126 24.38 -19.79 -19.03
CA ARG B 126 24.49 -20.64 -20.26
C ARG B 126 25.82 -20.31 -20.95
N ARG B 127 26.13 -19.00 -21.02
N ARG B 127 26.16 -19.02 -21.06
CA ARG B 127 27.33 -18.42 -21.66
CA ARG B 127 27.40 -18.58 -21.74
C ARG B 127 28.59 -18.84 -20.87
C ARG B 127 28.61 -18.97 -20.86
N GLU B 128 28.52 -18.81 -19.54
CA GLU B 128 29.65 -19.09 -18.60
C GLU B 128 29.67 -20.58 -18.20
N ARG B 129 28.86 -21.44 -18.83
CA ARG B 129 28.71 -22.85 -18.39
C ARG B 129 30.09 -23.52 -18.28
N GLY B 130 30.32 -24.20 -17.17
CA GLY B 130 31.55 -24.97 -16.92
C GLY B 130 32.61 -24.21 -16.15
N HIS B 131 32.39 -22.98 -15.72
CA HIS B 131 33.32 -22.34 -14.75
C HIS B 131 32.58 -21.35 -13.84
N VAL B 132 31.34 -21.63 -13.53
CA VAL B 132 30.64 -20.96 -12.40
C VAL B 132 30.73 -21.93 -11.23
N PRO B 133 31.51 -21.60 -10.18
CA PRO B 133 31.72 -22.53 -9.09
C PRO B 133 30.48 -22.60 -8.18
N MET B 134 30.38 -23.68 -7.41
CA MET B 134 29.24 -23.94 -6.48
C MET B 134 29.16 -22.81 -5.45
N ALA B 135 30.30 -22.42 -4.88
CA ALA B 135 30.35 -21.35 -3.85
C ALA B 135 29.70 -20.08 -4.38
N TRP B 136 29.94 -19.75 -5.65
CA TRP B 136 29.33 -18.57 -6.30
C TRP B 136 27.82 -18.74 -6.41
N LYS B 137 27.35 -19.91 -6.86
CA LYS B 137 25.87 -20.09 -6.94
C LYS B 137 25.25 -19.97 -5.53
N MET B 138 25.95 -20.36 -4.47
CA MET B 138 25.34 -20.38 -3.11
C MET B 138 25.21 -18.95 -2.56
N VAL B 139 26.05 -18.02 -2.99
CA VAL B 139 25.91 -16.57 -2.69
C VAL B 139 24.64 -16.05 -3.36
N VAL B 140 24.51 -16.33 -4.67
CA VAL B 140 23.33 -15.90 -5.46
C VAL B 140 22.06 -16.47 -4.80
N ALA B 141 22.04 -17.75 -4.44
CA ALA B 141 20.86 -18.35 -3.79
C ALA B 141 20.55 -17.59 -2.51
N GLN B 142 21.57 -17.27 -1.71
N GLN B 142 21.57 -17.26 -1.72
CA GLN B 142 21.38 -16.54 -0.44
CA GLN B 142 21.41 -16.56 -0.42
C GLN B 142 20.77 -15.16 -0.73
C GLN B 142 20.86 -15.15 -0.66
N GLN B 143 21.30 -14.45 -1.72
CA GLN B 143 20.83 -13.07 -2.01
C GLN B 143 19.37 -13.13 -2.48
N LEU B 144 19.05 -14.07 -3.35
CA LEU B 144 17.67 -14.20 -3.84
C LEU B 144 16.78 -14.51 -2.63
N ALA B 145 17.22 -15.38 -1.74
CA ALA B 145 16.41 -15.79 -0.56
C ALA B 145 16.23 -14.58 0.36
N SER B 146 17.22 -13.70 0.44
N SER B 146 17.27 -13.74 0.46
CA SER B 146 17.05 -12.52 1.33
CA SER B 146 17.17 -12.46 1.23
C SER B 146 16.03 -11.55 0.68
C SER B 146 16.00 -11.63 0.67
N ALA B 147 15.98 -11.43 -0.65
CA ALA B 147 14.91 -10.66 -1.35
C ALA B 147 13.54 -11.28 -1.06
N LEU B 148 13.44 -12.61 -1.20
CA LEU B 148 12.14 -13.31 -1.03
C LEU B 148 11.72 -13.38 0.46
N SER B 149 12.66 -13.44 1.44
CA SER B 149 12.42 -13.34 2.90
C SER B 149 11.73 -12.00 3.19
N TYR B 150 12.25 -10.92 2.60
CA TYR B 150 11.66 -9.56 2.70
C TYR B 150 10.23 -9.53 2.11
N LEU B 151 10.01 -10.08 0.91
CA LEU B 151 8.63 -10.06 0.36
C LEU B 151 7.72 -10.94 1.23
N GLU B 152 8.23 -12.05 1.77
CA GLU B 152 7.39 -12.98 2.55
C GLU B 152 6.90 -12.23 3.79
N ASN B 153 7.82 -11.58 4.45
CA ASN B 153 7.56 -10.72 5.62
C ASN B 153 6.58 -9.59 5.29
N LYS B 154 6.62 -9.07 4.07
CA LYS B 154 5.71 -7.99 3.62
C LYS B 154 4.35 -8.61 3.21
N ASN B 155 4.29 -9.93 3.10
CA ASN B 155 3.12 -10.66 2.54
C ASN B 155 2.83 -10.09 1.15
N LEU B 156 3.85 -9.90 0.32
CA LEU B 156 3.65 -9.49 -1.09
C LEU B 156 4.19 -10.61 -2.00
N VAL B 157 3.47 -10.93 -3.06
CA VAL B 157 3.83 -11.96 -4.07
C VAL B 157 4.63 -11.26 -5.20
N HIS B 158 5.78 -11.82 -5.59
CA HIS B 158 6.49 -11.49 -6.85
C HIS B 158 5.78 -12.19 -8.01
N GLY B 159 5.67 -13.52 -7.96
CA GLY B 159 4.89 -14.31 -8.93
C GLY B 159 5.64 -14.68 -10.20
N ASN B 160 6.92 -14.34 -10.35
CA ASN B 160 7.71 -14.71 -11.55
C ASN B 160 9.22 -14.81 -11.22
N VAL B 161 9.54 -15.55 -10.15
CA VAL B 161 10.92 -15.89 -9.72
C VAL B 161 11.44 -16.90 -10.76
N CYS B 162 12.47 -16.49 -11.51
CA CYS B 162 13.16 -17.37 -12.45
C CYS B 162 14.48 -16.70 -12.86
N GLY B 163 15.36 -17.43 -13.52
CA GLY B 163 16.73 -17.00 -13.86
C GLY B 163 16.76 -15.76 -14.75
N ARG B 164 15.75 -15.62 -15.65
CA ARG B 164 15.57 -14.46 -16.54
C ARG B 164 15.35 -13.18 -15.74
N ASN B 165 14.62 -13.26 -14.63
CA ASN B 165 14.31 -12.06 -13.80
C ASN B 165 15.39 -11.87 -12.75
N ILE B 166 16.47 -12.64 -12.75
CA ILE B 166 17.60 -12.40 -11.79
C ILE B 166 18.67 -11.67 -12.60
N LEU B 167 18.98 -10.46 -12.19
CA LEU B 167 19.88 -9.62 -13.00
C LEU B 167 21.22 -9.51 -12.25
N LEU B 168 22.32 -9.73 -12.94
CA LEU B 168 23.63 -9.81 -12.25
C LEU B 168 24.22 -8.39 -12.22
N ALA B 169 24.35 -7.79 -11.02
CA ALA B 169 24.93 -6.45 -10.84
C ALA B 169 26.47 -6.50 -10.78
N ARG B 170 27.02 -7.46 -10.05
CA ARG B 170 28.50 -7.66 -9.94
C ARG B 170 28.83 -9.11 -10.30
N LEU B 171 29.84 -9.28 -11.15
CA LEU B 171 30.23 -10.60 -11.73
C LEU B 171 30.62 -11.57 -10.62
N GLY B 172 31.54 -11.15 -9.74
CA GLY B 172 31.98 -11.98 -8.61
C GLY B 172 32.84 -13.17 -9.01
N LEU B 173 33.47 -13.21 -10.19
CA LEU B 173 34.28 -14.39 -10.62
C LEU B 173 35.74 -14.17 -10.22
N ALA B 174 36.22 -12.92 -10.26
CA ALA B 174 37.60 -12.51 -9.95
C ALA B 174 37.93 -12.81 -8.49
N GLU B 175 39.21 -13.05 -8.20
CA GLU B 175 39.71 -13.43 -6.85
C GLU B 175 39.29 -12.33 -5.85
N GLY B 176 38.71 -12.72 -4.71
CA GLY B 176 38.33 -11.78 -3.64
C GLY B 176 37.05 -11.04 -3.95
N THR B 177 36.34 -11.34 -5.03
CA THR B 177 35.05 -10.68 -5.36
C THR B 177 33.90 -11.65 -5.09
N SER B 178 32.70 -11.07 -5.01
CA SER B 178 31.44 -11.74 -4.64
C SER B 178 30.40 -11.30 -5.65
N PRO B 179 29.54 -12.19 -6.21
CA PRO B 179 28.47 -11.69 -7.08
C PRO B 179 27.44 -10.89 -6.29
N PHE B 180 26.60 -10.14 -7.01
CA PHE B 180 25.51 -9.35 -6.41
C PHE B 180 24.35 -9.35 -7.41
N ILE B 181 23.16 -9.75 -6.99
CA ILE B 181 22.02 -9.85 -7.93
C ILE B 181 20.93 -8.85 -7.55
N LYS B 182 20.08 -8.58 -8.52
CA LYS B 182 18.83 -7.83 -8.34
C LYS B 182 17.71 -8.63 -8.98
N LEU B 183 16.66 -8.92 -8.21
CA LEU B 183 15.45 -9.60 -8.74
C LEU B 183 14.60 -8.53 -9.42
N SER B 184 14.46 -8.69 -10.74
CA SER B 184 13.64 -7.84 -11.61
C SER B 184 12.22 -7.75 -11.07
N ASP B 185 11.55 -6.68 -11.45
CA ASP B 185 10.07 -6.60 -11.34
C ASP B 185 9.50 -7.83 -12.08
N PRO B 186 8.35 -8.40 -11.62
CA PRO B 186 7.80 -9.63 -12.20
C PRO B 186 7.13 -9.47 -13.58
N GLY B 187 7.09 -8.22 -14.06
CA GLY B 187 6.44 -7.79 -15.31
C GLY B 187 4.93 -7.94 -15.21
N VAL B 188 4.25 -8.19 -16.33
CA VAL B 188 2.76 -8.23 -16.32
C VAL B 188 2.35 -9.30 -15.29
N GLY B 189 1.47 -8.94 -14.36
CA GLY B 189 0.99 -9.86 -13.32
C GLY B 189 0.52 -11.18 -13.88
N LEU B 190 0.83 -12.23 -13.14
CA LEU B 190 0.50 -13.63 -13.47
C LEU B 190 -1.00 -13.83 -13.63
N GLY B 191 -1.81 -13.17 -12.80
CA GLY B 191 -3.28 -13.25 -12.85
C GLY B 191 -3.85 -12.79 -14.17
N ALA B 192 -3.15 -12.03 -15.02
CA ALA B 192 -3.73 -11.50 -16.27
C ALA B 192 -3.31 -12.34 -17.46
N LEU B 193 -2.35 -13.24 -17.29
CA LEU B 193 -1.80 -14.02 -18.42
C LEU B 193 -2.72 -15.18 -18.75
N SER B 194 -2.60 -15.70 -19.98
CA SER B 194 -3.38 -16.84 -20.49
C SER B 194 -2.82 -18.15 -19.97
N ARG B 195 -3.64 -19.19 -20.04
CA ARG B 195 -3.22 -20.55 -19.62
C ARG B 195 -1.97 -20.98 -20.40
N GLU B 196 -1.95 -20.73 -21.72
CA GLU B 196 -0.81 -21.01 -22.64
C GLU B 196 0.45 -20.44 -21.99
N GLU B 197 0.40 -19.15 -21.65
CA GLU B 197 1.54 -18.46 -21.00
C GLU B 197 1.91 -19.13 -19.66
N ARG B 198 0.94 -19.45 -18.81
CA ARG B 198 1.25 -20.04 -17.50
C ARG B 198 1.96 -21.36 -17.75
N VAL B 199 1.46 -22.16 -18.71
CA VAL B 199 2.11 -23.46 -19.01
C VAL B 199 3.54 -23.21 -19.50
N GLU B 200 3.80 -22.14 -20.28
CA GLU B 200 5.17 -21.85 -20.80
C GLU B 200 6.12 -21.64 -19.62
N ARG B 201 5.61 -21.13 -18.50
CA ARG B 201 6.44 -20.85 -17.31
C ARG B 201 6.65 -22.07 -16.41
N ILE B 202 6.08 -23.23 -16.73
CA ILE B 202 6.48 -24.49 -16.04
C ILE B 202 7.95 -24.76 -16.37
N PRO B 203 8.87 -25.07 -15.42
CA PRO B 203 8.54 -25.41 -14.03
C PRO B 203 8.66 -24.34 -12.93
N TRP B 204 8.86 -23.08 -13.30
CA TRP B 204 8.94 -21.94 -12.35
C TRP B 204 7.53 -21.64 -11.76
N LEU B 205 6.51 -21.78 -12.57
CA LEU B 205 5.08 -21.58 -12.20
C LEU B 205 4.72 -22.57 -11.10
N ALA B 206 4.22 -22.11 -9.96
CA ALA B 206 3.68 -22.99 -8.89
C ALA B 206 2.51 -23.79 -9.44
N PRO B 207 2.39 -25.06 -9.08
CA PRO B 207 1.35 -25.90 -9.70
C PRO B 207 -0.06 -25.42 -9.32
N GLU B 208 -0.20 -24.69 -8.21
CA GLU B 208 -1.55 -24.22 -7.76
C GLU B 208 -1.96 -23.10 -8.71
N CYS B 209 -1.05 -22.51 -9.47
CA CYS B 209 -1.33 -21.37 -10.38
C CYS B 209 -1.66 -21.83 -11.81
N LEU B 210 -1.62 -23.12 -12.09
CA LEU B 210 -1.92 -23.59 -13.47
C LEU B 210 -3.40 -23.34 -13.76
N PRO B 211 -4.38 -23.93 -13.03
CA PRO B 211 -5.81 -23.69 -13.28
C PRO B 211 -6.24 -22.25 -13.56
N SER B 218 -0.68 -16.47 -3.35
CA SER B 218 -0.04 -16.65 -2.01
C SER B 218 1.49 -16.54 -2.14
N THR B 219 2.18 -16.09 -1.09
CA THR B 219 3.68 -16.02 -1.09
C THR B 219 4.22 -17.44 -1.30
N ALA B 220 3.43 -18.47 -0.99
CA ALA B 220 3.87 -19.87 -1.12
C ALA B 220 4.34 -20.14 -2.56
N MET B 221 3.75 -19.49 -3.56
CA MET B 221 4.12 -19.67 -5.00
C MET B 221 5.58 -19.31 -5.27
N ASP B 222 6.11 -18.31 -4.57
CA ASP B 222 7.52 -17.86 -4.74
C ASP B 222 8.50 -18.84 -4.10
N LYS B 223 8.06 -19.60 -3.10
CA LYS B 223 8.83 -20.74 -2.54
C LYS B 223 9.05 -21.77 -3.68
N TRP B 224 8.03 -22.03 -4.50
CA TRP B 224 8.13 -22.96 -5.66
C TRP B 224 9.06 -22.31 -6.69
N GLY B 225 8.82 -21.05 -7.00
CA GLY B 225 9.63 -20.31 -7.99
C GLY B 225 11.11 -20.34 -7.61
N PHE B 226 11.36 -20.08 -6.33
CA PHE B 226 12.71 -20.15 -5.73
C PHE B 226 13.38 -21.51 -5.97
N GLY B 227 12.67 -22.59 -5.59
CA GLY B 227 13.19 -23.93 -5.79
C GLY B 227 13.51 -24.24 -7.24
N ALA B 228 12.62 -23.88 -8.18
CA ALA B 228 12.81 -24.11 -9.64
C ALA B 228 14.03 -23.31 -10.08
N THR B 229 14.17 -22.10 -9.58
CA THR B 229 15.31 -21.21 -9.93
C THR B 229 16.64 -21.77 -9.38
N LEU B 230 16.64 -22.34 -8.20
CA LEU B 230 17.86 -23.01 -7.68
C LEU B 230 18.20 -24.18 -8.60
N LEU B 231 17.21 -24.86 -9.18
CA LEU B 231 17.57 -25.97 -10.12
C LEU B 231 18.17 -25.38 -11.39
N GLU B 232 17.53 -24.35 -11.94
CA GLU B 232 18.03 -23.63 -13.13
C GLU B 232 19.47 -23.23 -12.83
N ILE B 233 19.74 -22.70 -11.64
CA ILE B 233 21.11 -22.20 -11.32
C ILE B 233 22.09 -23.34 -11.24
N CSO B 234 21.73 -24.43 -10.55
CA CSO B 234 22.56 -25.63 -10.46
CB CSO B 234 21.92 -26.68 -9.58
SG CSO B 234 21.94 -26.17 -7.83
C CSO B 234 22.90 -26.20 -11.83
O CSO B 234 24.06 -26.56 -12.08
OD CSO B 234 23.47 -25.70 -7.37
N PHE B 235 21.94 -26.20 -12.75
CA PHE B 235 22.08 -26.77 -14.06
C PHE B 235 22.57 -25.73 -15.07
N ASP B 236 23.14 -24.62 -14.60
CA ASP B 236 23.84 -23.61 -15.43
C ASP B 236 22.90 -22.99 -16.46
N GLY B 237 21.64 -22.78 -16.09
CA GLY B 237 20.68 -22.00 -16.87
C GLY B 237 19.84 -22.87 -17.80
N GLU B 238 20.00 -24.19 -17.75
CA GLU B 238 19.11 -25.20 -18.38
C GLU B 238 18.10 -25.68 -17.31
N ALA B 239 16.88 -25.15 -17.29
CA ALA B 239 15.89 -25.52 -16.26
C ALA B 239 15.24 -26.84 -16.64
N PRO B 240 14.75 -27.63 -15.67
CA PRO B 240 14.13 -28.92 -15.99
C PRO B 240 12.86 -28.64 -16.78
N LEU B 241 12.52 -29.52 -17.72
CA LEU B 241 11.23 -29.60 -18.46
C LEU B 241 11.21 -28.64 -19.66
N GLN B 242 12.35 -28.05 -20.03
CA GLN B 242 12.43 -27.06 -21.14
C GLN B 242 12.41 -27.82 -22.48
N SER B 243 12.79 -29.10 -22.51
CA SER B 243 12.72 -29.93 -23.73
C SER B 243 11.26 -30.32 -23.99
N ARG B 244 10.36 -30.19 -23.00
CA ARG B 244 9.01 -30.80 -23.09
C ARG B 244 8.01 -29.79 -23.65
N SER B 245 7.10 -30.33 -24.49
CA SER B 245 5.94 -29.69 -25.14
C SER B 245 4.95 -29.21 -24.09
N PRO B 246 4.07 -28.23 -24.42
CA PRO B 246 3.06 -27.76 -23.46
C PRO B 246 2.21 -28.87 -22.83
N SER B 247 1.69 -29.79 -23.64
CA SER B 247 0.85 -30.89 -23.10
C SER B 247 1.67 -31.71 -22.09
N GLU B 248 2.95 -31.98 -22.37
CA GLU B 248 3.88 -32.75 -21.50
C GLU B 248 4.19 -31.98 -20.20
N LYS B 249 4.50 -30.69 -20.29
CA LYS B 249 4.70 -29.84 -19.08
C LYS B 249 3.44 -29.86 -18.21
N GLU B 250 2.30 -29.62 -18.82
CA GLU B 250 0.99 -29.61 -18.16
C GLU B 250 0.72 -30.98 -17.50
N HIS B 251 1.02 -32.10 -18.18
CA HIS B 251 0.82 -33.47 -17.64
C HIS B 251 1.79 -33.75 -16.48
N PHE B 252 3.01 -33.24 -16.56
CA PHE B 252 4.00 -33.40 -15.48
C PHE B 252 3.35 -32.93 -14.17
N TYR B 253 2.68 -31.77 -14.18
CA TYR B 253 2.04 -31.17 -12.97
C TYR B 253 0.75 -31.92 -12.61
N GLN B 254 0.01 -32.41 -13.59
CA GLN B 254 -1.29 -33.07 -13.29
C GLN B 254 -1.01 -34.41 -12.58
N ARG B 255 0.10 -35.10 -12.95
CA ARG B 255 0.52 -36.44 -12.43
C ARG B 255 1.39 -36.27 -11.17
N GLN B 256 1.66 -35.01 -10.80
CA GLN B 256 2.51 -34.60 -9.65
C GLN B 256 3.87 -35.31 -9.70
N HIS B 257 4.50 -35.43 -10.87
CA HIS B 257 5.90 -35.91 -10.96
C HIS B 257 6.82 -34.97 -10.15
N ARG B 258 7.84 -35.55 -9.52
CA ARG B 258 8.87 -34.79 -8.78
C ARG B 258 9.90 -34.26 -9.78
N LEU B 259 10.25 -32.96 -9.66
CA LEU B 259 11.36 -32.33 -10.40
C LEU B 259 12.68 -32.97 -9.97
N PRO B 260 13.69 -33.00 -10.84
CA PRO B 260 14.99 -33.57 -10.48
C PRO B 260 15.57 -32.95 -9.20
N GLU B 261 16.36 -33.73 -8.47
CA GLU B 261 17.19 -33.26 -7.33
C GLU B 261 18.62 -33.05 -7.80
N PRO B 262 19.25 -31.94 -7.38
CA PRO B 262 20.70 -31.78 -7.57
C PRO B 262 21.47 -32.86 -6.79
N SER B 263 22.79 -32.98 -7.03
CA SER B 263 23.74 -33.94 -6.39
C SER B 263 24.03 -33.54 -4.94
N CYS B 264 24.11 -32.24 -4.65
CA CYS B 264 24.36 -31.81 -3.27
C CYS B 264 23.12 -32.17 -2.46
N PRO B 265 23.24 -33.12 -1.51
CA PRO B 265 22.07 -33.66 -0.81
C PRO B 265 21.43 -32.61 0.12
N GLN B 266 22.22 -31.72 0.72
CA GLN B 266 21.63 -30.69 1.62
C GLN B 266 20.87 -29.70 0.76
N LEU B 267 21.35 -29.41 -0.47
CA LEU B 267 20.59 -28.57 -1.43
C LEU B 267 19.37 -29.34 -1.98
N ALA B 268 19.53 -30.64 -2.26
CA ALA B 268 18.44 -31.54 -2.71
C ALA B 268 17.30 -31.51 -1.69
N THR B 269 17.64 -31.56 -0.40
CA THR B 269 16.60 -31.52 0.67
C THR B 269 15.81 -30.22 0.52
N LEU B 270 16.51 -29.11 0.30
CA LEU B 270 15.94 -27.74 0.17
C LEU B 270 15.09 -27.61 -1.11
N THR B 271 15.60 -27.96 -2.29
CA THR B 271 14.81 -27.81 -3.55
C THR B 271 13.53 -28.65 -3.47
N SER B 272 13.63 -29.90 -2.99
CA SER B 272 12.52 -30.86 -2.82
C SER B 272 11.40 -30.27 -1.93
N GLN B 273 11.78 -29.68 -0.81
CA GLN B 273 10.80 -29.04 0.11
C GLN B 273 10.14 -27.86 -0.57
N CYS B 274 10.91 -27.07 -1.33
CA CYS B 274 10.38 -25.91 -2.07
C CYS B 274 9.42 -26.38 -3.17
N LEU B 275 9.73 -27.50 -3.80
CA LEU B 275 9.00 -27.99 -4.99
C LEU B 275 8.09 -29.10 -4.47
N THR B 276 7.34 -28.79 -3.42
CA THR B 276 6.28 -29.65 -2.86
C THR B 276 4.96 -29.16 -3.45
N TYR B 277 4.13 -30.07 -3.89
CA TYR B 277 2.88 -29.72 -4.62
C TYR B 277 1.95 -28.97 -3.66
N GLU B 278 1.82 -29.42 -2.41
CA GLU B 278 0.93 -28.75 -1.42
C GLU B 278 1.61 -27.47 -0.95
N PRO B 279 1.03 -26.27 -1.25
CA PRO B 279 1.70 -25.00 -0.94
C PRO B 279 2.02 -24.82 0.53
N THR B 280 1.11 -25.25 1.42
CA THR B 280 1.24 -25.07 2.89
C THR B 280 2.40 -25.90 3.45
N GLN B 281 3.03 -26.78 2.66
CA GLN B 281 4.13 -27.67 3.12
C GLN B 281 5.48 -27.09 2.71
N ARG B 282 5.51 -26.02 1.91
CA ARG B 282 6.77 -25.40 1.50
C ARG B 282 7.31 -24.61 2.69
N PRO B 283 8.63 -24.65 2.89
CA PRO B 283 9.22 -24.10 4.11
C PRO B 283 9.28 -22.58 4.04
N SER B 284 9.37 -21.93 5.20
CA SER B 284 9.45 -20.47 5.28
C SER B 284 10.82 -20.03 4.75
N PHE B 285 10.96 -18.77 4.40
CA PHE B 285 12.25 -18.23 3.93
C PHE B 285 13.20 -18.14 5.12
N ARG B 286 12.65 -18.19 6.32
CA ARG B 286 13.46 -18.22 7.57
C ARG B 286 14.22 -19.54 7.60
N THR B 287 13.51 -20.65 7.38
CA THR B 287 14.13 -21.99 7.24
C THR B 287 15.07 -22.03 6.03
N ILE B 288 14.62 -21.56 4.87
CA ILE B 288 15.41 -21.56 3.59
C ILE B 288 16.73 -20.86 3.84
N LEU B 289 16.69 -19.69 4.49
CA LEU B 289 17.92 -18.87 4.70
C LEU B 289 18.83 -19.58 5.69
N ARG B 290 18.25 -20.07 6.78
CA ARG B 290 18.97 -20.85 7.81
C ARG B 290 19.78 -21.92 7.08
N ASP B 291 19.13 -22.74 6.26
CA ASP B 291 19.76 -23.93 5.61
C ASP B 291 20.81 -23.50 4.58
N LEU B 292 20.62 -22.43 3.80
CA LEU B 292 21.63 -21.95 2.82
C LEU B 292 22.91 -21.41 3.48
N THR B 293 22.92 -21.10 4.80
CA THR B 293 24.04 -20.36 5.46
C THR B 293 24.91 -21.31 6.30
N GLN C 4 31.29 1.93 33.55
CA GLN C 4 30.30 3.03 33.21
C GLN C 4 29.33 2.59 32.11
N LEU C 5 29.77 1.81 31.12
CA LEU C 5 28.97 1.50 29.90
C LEU C 5 27.92 0.43 30.23
N SER C 6 26.81 0.39 29.49
CA SER C 6 25.74 -0.62 29.67
C SER C 6 25.09 -0.92 28.33
N PHE C 7 25.12 -2.17 27.94
CA PHE C 7 24.51 -2.67 26.68
C PHE C 7 24.58 -4.18 26.74
N HIS C 8 23.71 -4.83 25.98
CA HIS C 8 23.57 -6.30 25.87
C HIS C 8 24.76 -6.83 25.07
N ARG C 9 25.46 -7.81 25.63
CA ARG C 9 26.46 -8.59 24.87
C ARG C 9 25.68 -9.60 24.03
N VAL C 10 25.98 -9.68 22.74
CA VAL C 10 25.36 -10.66 21.83
C VAL C 10 26.44 -11.69 21.50
N ASP C 11 26.11 -12.95 21.67
CA ASP C 11 26.99 -14.08 21.27
C ASP C 11 27.00 -14.12 19.75
N GLN C 12 28.16 -14.43 19.21
CA GLN C 12 28.37 -14.62 17.74
C GLN C 12 27.51 -15.77 17.20
N LYS C 13 27.23 -16.83 17.97
CA LYS C 13 26.31 -17.95 17.59
C LYS C 13 24.89 -17.41 17.25
N GLU C 14 24.46 -16.29 17.85
CA GLU C 14 23.10 -15.68 17.65
C GLU C 14 23.00 -14.85 16.36
N ILE C 15 24.09 -14.49 15.67
CA ILE C 15 23.95 -13.62 14.48
C ILE C 15 24.38 -14.35 13.21
N THR C 16 23.67 -14.04 12.13
CA THR C 16 23.94 -14.45 10.72
C THR C 16 24.15 -13.17 9.92
N GLN C 17 25.28 -13.09 9.25
CA GLN C 17 25.59 -11.98 8.34
C GLN C 17 25.13 -12.32 6.91
N LEU C 18 24.28 -11.48 6.34
CA LEU C 18 23.82 -11.55 4.94
C LEU C 18 24.49 -10.44 4.13
N SER C 19 23.77 -9.72 3.28
CA SER C 19 24.39 -8.87 2.21
C SER C 19 24.95 -7.54 2.73
N HIS C 20 26.08 -7.10 2.15
CA HIS C 20 26.72 -5.78 2.36
C HIS C 20 25.78 -4.67 1.90
N LEU C 21 25.51 -3.71 2.79
CA LEU C 21 24.61 -2.56 2.53
C LEU C 21 25.43 -1.28 2.37
N GLY C 22 26.61 -1.21 2.94
CA GLY C 22 27.43 0.00 2.72
C GLY C 22 28.45 0.15 3.81
N GLN C 23 29.14 1.28 3.79
CA GLN C 23 30.21 1.61 4.75
C GLN C 23 29.70 2.76 5.60
N GLY C 24 30.09 2.76 6.87
CA GLY C 24 30.06 3.94 7.72
C GLY C 24 31.46 4.22 8.21
N THR C 25 31.60 5.14 9.15
CA THR C 25 32.93 5.57 9.63
C THR C 25 33.54 4.38 10.35
N ARG C 26 34.61 3.80 9.79
CA ARG C 26 35.40 2.63 10.29
C ARG C 26 34.57 1.34 10.35
N THR C 27 33.44 1.24 9.66
CA THR C 27 32.52 0.09 9.76
C THR C 27 32.07 -0.35 8.37
N ASN C 28 31.64 -1.62 8.32
CA ASN C 28 30.83 -2.15 7.21
C ASN C 28 29.46 -2.53 7.75
N VAL C 29 28.41 -2.19 7.01
CA VAL C 29 27.02 -2.45 7.45
C VAL C 29 26.47 -3.56 6.56
N TYR C 30 25.86 -4.55 7.19
CA TYR C 30 25.26 -5.72 6.53
C TYR C 30 23.85 -5.93 7.02
N GLU C 31 23.00 -6.42 6.13
CA GLU C 31 21.76 -7.05 6.62
C GLU C 31 22.19 -8.27 7.42
N GLY C 32 21.38 -8.65 8.38
CA GLY C 32 21.72 -9.77 9.26
C GLY C 32 20.46 -10.35 9.87
N ARG C 33 20.66 -11.46 10.56
CA ARG C 33 19.62 -12.06 11.44
C ARG C 33 20.14 -12.08 12.87
N LEU C 34 19.27 -11.79 13.83
CA LEU C 34 19.52 -12.06 15.28
C LEU C 34 18.53 -13.10 15.81
N ARG C 35 19.04 -14.21 16.35
CA ARG C 35 18.27 -15.33 16.97
C ARG C 35 17.89 -14.84 18.36
N VAL C 36 16.59 -14.84 18.67
CA VAL C 36 16.00 -14.27 19.94
C VAL C 36 14.93 -15.23 20.46
N GLN C 61 12.61 -17.23 16.85
CA GLN C 61 12.63 -15.99 15.99
C GLN C 61 14.06 -15.72 15.50
N GLU C 62 14.15 -15.49 14.18
CA GLU C 62 15.32 -14.93 13.45
C GLU C 62 14.87 -13.52 13.11
N LEU C 63 15.32 -12.50 13.85
N LEU C 63 15.31 -12.50 13.84
CA LEU C 63 14.94 -11.06 13.65
CA LEU C 63 14.89 -11.08 13.61
C LEU C 63 15.86 -10.46 12.58
C LEU C 63 15.84 -10.45 12.59
N ARG C 64 15.29 -9.76 11.62
CA ARG C 64 16.08 -8.96 10.64
C ARG C 64 16.68 -7.77 11.39
N VAL C 65 17.98 -7.58 11.26
CA VAL C 65 18.80 -6.52 11.92
C VAL C 65 19.78 -6.02 10.86
N VAL C 66 20.49 -4.95 11.21
CA VAL C 66 21.76 -4.63 10.52
C VAL C 66 22.91 -4.91 11.51
N LEU C 67 24.03 -5.32 10.95
CA LEU C 67 25.32 -5.62 11.64
C LEU C 67 26.32 -4.55 11.27
N LYS C 68 26.78 -3.75 12.22
CA LYS C 68 27.77 -2.73 11.84
C LYS C 68 29.09 -3.25 12.39
N VAL C 69 29.90 -3.74 11.48
CA VAL C 69 31.19 -4.39 11.82
C VAL C 69 32.30 -3.36 11.80
N LEU C 70 32.93 -3.19 12.96
CA LEU C 70 34.03 -2.23 13.14
C LEU C 70 35.29 -2.94 12.64
N ASP C 71 36.05 -2.22 11.83
CA ASP C 71 37.42 -2.62 11.45
C ASP C 71 38.23 -2.92 12.69
N PRO C 72 39.31 -3.73 12.57
CA PRO C 72 40.27 -3.87 13.66
C PRO C 72 40.84 -2.47 13.93
N SER C 73 40.67 -1.99 15.14
CA SER C 73 40.88 -0.57 15.47
C SER C 73 41.75 -0.47 16.71
N HIS C 74 42.33 0.72 16.89
CA HIS C 74 42.99 1.18 18.12
C HIS C 74 41.91 1.27 19.22
N HIS C 75 42.34 1.09 20.46
CA HIS C 75 41.47 1.06 21.67
C HIS C 75 40.48 2.23 21.68
N ASP C 76 40.89 3.44 21.24
CA ASP C 76 40.06 4.66 21.44
C ASP C 76 38.86 4.63 20.49
N ILE C 77 39.05 4.04 19.32
CA ILE C 77 37.99 3.84 18.30
C ILE C 77 37.02 2.77 18.85
N ALA C 78 37.54 1.62 19.27
CA ALA C 78 36.73 0.56 19.91
C ALA C 78 35.95 1.13 21.12
N LEU C 79 36.57 1.97 21.95
CA LEU C 79 35.85 2.55 23.13
C LEU C 79 34.71 3.45 22.67
N ALA C 80 34.98 4.34 21.71
CA ALA C 80 33.98 5.29 21.15
C ALA C 80 32.82 4.49 20.57
N PHE C 81 33.11 3.39 19.87
CA PHE C 81 32.07 2.46 19.33
C PHE C 81 31.20 1.96 20.48
N TYR C 82 31.81 1.47 21.57
CA TYR C 82 31.09 0.91 22.76
C TYR C 82 30.33 2.00 23.50
N GLU C 83 30.90 3.21 23.54
CA GLU C 83 30.21 4.38 24.13
C GLU C 83 28.93 4.67 23.33
N THR C 84 28.99 4.60 22.02
CA THR C 84 27.79 4.81 21.15
C THR C 84 26.73 3.77 21.46
N ALA C 85 27.11 2.49 21.52
CA ALA C 85 26.16 1.42 21.85
C ALA C 85 25.52 1.68 23.23
N SER C 86 26.33 2.08 24.21
CA SER C 86 25.90 2.36 25.60
C SER C 86 24.86 3.47 25.59
N LEU C 87 25.14 4.57 24.87
CA LEU C 87 24.26 5.75 24.70
C LEU C 87 22.90 5.34 24.12
N MET C 88 22.91 4.62 22.99
CA MET C 88 21.69 4.25 22.24
C MET C 88 20.91 3.15 23.01
N SER C 89 21.60 2.35 23.82
CA SER C 89 21.00 1.22 24.58
C SER C 89 20.15 1.77 25.74
N GLN C 90 20.40 3.01 26.19
CA GLN C 90 19.73 3.54 27.39
C GLN C 90 18.75 4.67 27.06
N VAL C 91 18.56 4.98 25.78
CA VAL C 91 17.52 5.91 25.32
C VAL C 91 16.42 5.14 24.57
N SER C 92 15.22 5.71 24.58
N SER C 92 15.24 5.72 24.53
CA SER C 92 14.05 5.21 23.80
CA SER C 92 14.10 5.19 23.74
C SER C 92 13.30 6.40 23.21
C SER C 92 13.28 6.37 23.22
N HIS C 93 13.01 6.34 21.90
CA HIS C 93 12.11 7.29 21.23
C HIS C 93 11.67 6.66 19.94
N THR C 94 10.46 6.95 19.51
CA THR C 94 9.90 6.27 18.33
C THR C 94 10.70 6.69 17.07
N HIS C 95 11.38 7.83 17.10
CA HIS C 95 12.20 8.31 15.98
C HIS C 95 13.70 8.10 16.28
N LEU C 96 14.05 7.22 17.21
CA LEU C 96 15.45 6.71 17.36
C LEU C 96 15.54 5.21 17.02
N ALA C 97 16.53 4.81 16.22
CA ALA C 97 16.72 3.37 15.90
C ALA C 97 17.11 2.63 17.16
N PHE C 98 16.68 1.37 17.27
CA PHE C 98 16.99 0.49 18.43
C PHE C 98 18.40 -0.11 18.24
N VAL C 99 19.14 -0.26 19.34
CA VAL C 99 20.40 -1.05 19.37
C VAL C 99 20.11 -2.36 20.11
N HIS C 100 20.35 -3.51 19.46
CA HIS C 100 20.16 -4.85 20.07
C HIS C 100 21.32 -5.19 21.03
N GLY C 101 22.53 -4.80 20.68
CA GLY C 101 23.66 -5.03 21.58
C GLY C 101 24.91 -5.06 20.78
N VAL C 102 25.98 -5.54 21.41
CA VAL C 102 27.31 -5.64 20.75
C VAL C 102 27.77 -7.09 20.77
N CYS C 103 28.29 -7.54 19.64
CA CYS C 103 28.81 -8.90 19.47
C CYS C 103 30.29 -8.78 19.15
N VAL C 104 31.12 -9.45 19.94
CA VAL C 104 32.56 -9.65 19.61
C VAL C 104 32.66 -10.96 18.82
N ARG C 105 33.00 -10.87 17.53
CA ARG C 105 33.23 -12.03 16.63
C ARG C 105 34.72 -11.97 16.27
N GLY C 106 35.60 -12.52 17.13
CA GLY C 106 37.07 -12.44 16.97
C GLY C 106 37.52 -10.99 17.00
N PRO C 107 38.37 -10.49 16.06
CA PRO C 107 38.86 -9.12 16.15
C PRO C 107 37.77 -8.08 15.85
N GLU C 108 36.54 -8.55 15.59
CA GLU C 108 35.41 -7.75 15.05
C GLU C 108 34.44 -7.47 16.20
N ASN C 109 34.33 -6.19 16.53
CA ASN C 109 33.21 -5.69 17.35
C ASN C 109 32.05 -5.43 16.38
N ILE C 110 30.87 -5.88 16.73
CA ILE C 110 29.72 -5.73 15.82
C ILE C 110 28.57 -5.11 16.59
N MET C 111 28.12 -3.92 16.19
CA MET C 111 26.90 -3.31 16.75
C MET C 111 25.72 -3.94 16.01
N VAL C 112 24.76 -4.51 16.78
CA VAL C 112 23.53 -5.09 16.18
C VAL C 112 22.42 -4.07 16.39
N THR C 113 21.88 -3.55 15.29
CA THR C 113 20.97 -2.39 15.33
C THR C 113 19.80 -2.67 14.43
N GLU C 114 18.83 -1.81 14.52
CA GLU C 114 17.51 -1.93 13.83
C GLU C 114 17.68 -1.78 12.31
N TYR C 115 17.12 -2.78 11.63
CA TYR C 115 16.95 -2.74 10.18
C TYR C 115 15.74 -1.87 9.87
N VAL C 116 15.96 -0.83 9.10
CA VAL C 116 14.88 0.11 8.74
C VAL C 116 14.61 0.02 7.25
N GLU C 117 13.38 -0.36 6.95
CA GLU C 117 12.99 -0.91 5.62
C GLU C 117 13.62 -0.16 4.43
N HIS C 118 13.44 1.17 4.32
CA HIS C 118 13.78 1.89 3.07
C HIS C 118 15.16 2.55 3.11
N GLY C 119 15.94 2.31 4.13
CA GLY C 119 17.37 2.65 4.10
C GLY C 119 17.58 4.13 4.36
N PRO C 120 18.83 4.59 4.18
CA PRO C 120 19.26 5.98 4.41
C PRO C 120 18.48 6.98 3.56
N LEU C 121 18.18 8.12 4.16
CA LEU C 121 17.34 9.16 3.56
C LEU C 121 18.12 9.94 2.48
N ASP C 122 19.44 10.07 2.54
CA ASP C 122 20.18 10.91 1.56
C ASP C 122 20.12 10.22 0.19
N VAL C 123 20.35 8.92 0.21
CA VAL C 123 20.31 8.07 -0.99
C VAL C 123 18.91 8.07 -1.57
N TRP C 124 17.93 7.94 -0.71
CA TRP C 124 16.51 7.84 -1.12
C TRP C 124 16.10 9.14 -1.81
N LEU C 125 16.50 10.28 -1.24
CA LEU C 125 16.12 11.61 -1.78
C LEU C 125 16.77 11.77 -3.15
N ARG C 126 18.04 11.43 -3.28
CA ARG C 126 18.72 11.64 -4.60
C ARG C 126 17.97 10.82 -5.66
N ARG C 127 17.57 9.62 -5.31
CA ARG C 127 16.87 8.68 -6.20
C ARG C 127 15.45 9.20 -6.52
N GLU C 128 14.80 9.92 -5.60
CA GLU C 128 13.39 10.38 -5.77
C GLU C 128 13.35 11.86 -6.15
N ARG C 129 14.49 12.46 -6.52
CA ARG C 129 14.58 13.93 -6.76
C ARG C 129 13.50 14.41 -7.73
N GLY C 130 12.78 15.46 -7.34
CA GLY C 130 11.80 16.17 -8.20
C GLY C 130 10.38 15.65 -8.08
N HIS C 131 10.12 14.71 -7.17
CA HIS C 131 8.74 14.30 -6.82
C HIS C 131 8.63 13.93 -5.33
N VAL C 132 9.40 14.56 -4.44
CA VAL C 132 9.22 14.48 -2.96
C VAL C 132 8.61 15.82 -2.54
N PRO C 133 7.33 15.83 -2.12
CA PRO C 133 6.60 17.08 -1.84
C PRO C 133 7.17 17.78 -0.61
N MET C 134 6.98 19.10 -0.52
CA MET C 134 7.45 19.93 0.62
C MET C 134 6.75 19.42 1.89
N ALA C 135 5.47 19.13 1.81
CA ALA C 135 4.66 18.63 2.95
C ALA C 135 5.33 17.42 3.60
N TRP C 136 5.85 16.52 2.78
CA TRP C 136 6.56 15.28 3.21
C TRP C 136 7.86 15.64 3.92
N LYS C 137 8.66 16.54 3.35
CA LYS C 137 9.94 16.94 3.97
C LYS C 137 9.60 17.55 5.34
N MET C 138 8.45 18.22 5.49
CA MET C 138 8.11 18.95 6.74
C MET C 138 7.75 17.93 7.82
N VAL C 139 7.13 16.80 7.45
CA VAL C 139 6.87 15.72 8.45
C VAL C 139 8.21 15.16 8.88
N VAL C 140 9.10 14.87 7.95
CA VAL C 140 10.40 14.29 8.34
C VAL C 140 11.12 15.31 9.27
N ALA C 141 11.12 16.58 8.95
CA ALA C 141 11.80 17.61 9.78
C ALA C 141 11.20 17.56 11.19
N GLN C 142 9.88 17.46 11.27
N GLN C 142 9.89 17.40 11.30
CA GLN C 142 9.14 17.36 12.56
CA GLN C 142 9.19 17.37 12.60
C GLN C 142 9.63 16.14 13.34
C GLN C 142 9.53 16.10 13.38
N GLN C 143 9.64 14.95 12.71
CA GLN C 143 10.00 13.69 13.42
C GLN C 143 11.45 13.74 13.91
N LEU C 144 12.35 14.28 13.09
CA LEU C 144 13.78 14.37 13.47
C LEU C 144 13.90 15.32 14.67
N ALA C 145 13.19 16.43 14.65
CA ALA C 145 13.20 17.42 15.76
C ALA C 145 12.61 16.78 17.03
N SER C 146 11.54 15.99 16.88
N SER C 146 11.52 16.03 16.88
CA SER C 146 10.93 15.26 18.03
CA SER C 146 10.94 15.24 18.00
C SER C 146 12.00 14.34 18.67
C SER C 146 12.05 14.41 18.66
N ALA C 147 12.80 13.63 17.87
CA ALA C 147 13.93 12.78 18.36
C ALA C 147 14.97 13.67 19.04
N LEU C 148 15.35 14.78 18.41
CA LEU C 148 16.43 15.62 18.97
C LEU C 148 15.92 16.38 20.20
N SER C 149 14.62 16.69 20.29
CA SER C 149 13.98 17.38 21.45
C SER C 149 14.17 16.49 22.67
N TYR C 150 13.92 15.19 22.46
CA TYR C 150 14.07 14.12 23.47
C TYR C 150 15.53 14.03 23.91
N LEU C 151 16.49 13.94 22.99
CA LEU C 151 17.92 13.84 23.43
C LEU C 151 18.32 15.13 24.16
N GLU C 152 17.86 16.28 23.68
CA GLU C 152 18.15 17.57 24.33
C GLU C 152 17.67 17.51 25.77
N ASN C 153 16.46 17.01 26.00
CA ASN C 153 15.87 16.96 27.36
C ASN C 153 16.67 16.02 28.26
N LYS C 154 17.20 14.93 27.74
CA LYS C 154 18.12 13.98 28.44
C LYS C 154 19.53 14.58 28.54
N ASN C 155 19.77 15.74 27.93
CA ASN C 155 21.12 16.35 27.89
C ASN C 155 22.10 15.34 27.25
N LEU C 156 21.69 14.69 26.16
CA LEU C 156 22.56 13.70 25.47
C LEU C 156 22.91 14.19 24.06
N VAL C 157 24.16 14.04 23.67
CA VAL C 157 24.60 14.44 22.30
C VAL C 157 24.57 13.23 21.38
N HIS C 158 23.97 13.39 20.19
CA HIS C 158 24.03 12.40 19.10
C HIS C 158 25.34 12.55 18.36
N GLY C 159 25.58 13.71 17.75
CA GLY C 159 26.91 14.11 17.25
C GLY C 159 27.13 13.69 15.81
N ASN C 160 26.10 13.22 15.15
CA ASN C 160 26.24 12.79 13.73
C ASN C 160 24.90 12.80 13.05
N VAL C 161 24.19 13.93 13.18
CA VAL C 161 22.90 14.21 12.52
C VAL C 161 23.19 14.55 11.06
N CYS C 162 22.66 13.73 10.16
CA CYS C 162 22.79 13.92 8.71
C CYS C 162 21.84 12.97 8.01
N GLY C 163 21.61 13.20 6.71
CA GLY C 163 20.70 12.38 5.91
C GLY C 163 21.06 10.89 5.89
N ARG C 164 22.37 10.53 5.79
CA ARG C 164 22.85 9.13 5.83
C ARG C 164 22.34 8.43 7.08
N ASN C 165 22.28 9.12 8.22
CA ASN C 165 21.86 8.48 9.50
C ASN C 165 20.35 8.61 9.73
N ILE C 166 19.59 9.12 8.77
CA ILE C 166 18.09 9.18 8.89
C ILE C 166 17.53 8.06 8.01
N LEU C 167 16.89 7.10 8.69
CA LEU C 167 16.49 5.84 8.06
C LEU C 167 14.97 5.91 7.83
N LEU C 168 14.53 5.54 6.64
CA LEU C 168 13.11 5.74 6.31
C LEU C 168 12.39 4.40 6.56
N ALA C 169 11.56 4.35 7.60
CA ALA C 169 10.76 3.17 8.02
C ALA C 169 9.52 3.03 7.15
N ARG C 170 8.84 4.13 6.89
CA ARG C 170 7.61 4.13 6.04
C ARG C 170 7.79 5.18 4.93
N LEU C 171 7.47 4.83 3.68
CA LEU C 171 7.67 5.68 2.47
C LEU C 171 6.83 6.97 2.58
N GLY C 172 5.56 6.86 2.97
CA GLY C 172 4.62 8.00 2.98
C GLY C 172 4.53 8.74 1.64
N LEU C 173 4.63 8.08 0.48
CA LEU C 173 4.44 8.76 -0.83
C LEU C 173 3.04 8.48 -1.37
N ALA C 174 2.42 7.35 -0.99
CA ALA C 174 1.08 6.94 -1.43
C ALA C 174 0.03 7.84 -0.76
N GLU C 175 -0.98 8.27 -1.51
CA GLU C 175 -2.16 8.99 -0.97
C GLU C 175 -2.54 8.43 0.40
N GLY C 176 -2.87 9.29 1.36
CA GLY C 176 -3.31 8.87 2.71
C GLY C 176 -2.17 8.54 3.66
N THR C 177 -0.92 8.32 3.19
CA THR C 177 0.24 7.90 4.05
C THR C 177 1.11 9.11 4.44
N SER C 178 1.85 8.97 5.54
CA SER C 178 2.91 9.89 6.01
C SER C 178 4.20 9.11 6.13
N PRO C 179 5.34 9.75 5.90
CA PRO C 179 6.60 9.09 6.16
C PRO C 179 6.84 8.88 7.66
N PHE C 180 7.82 8.06 7.97
CA PHE C 180 8.22 7.75 9.37
C PHE C 180 9.71 7.42 9.35
N ILE C 181 10.47 8.09 10.21
CA ILE C 181 11.95 7.95 10.16
C ILE C 181 12.42 7.41 11.50
N LYS C 182 13.65 6.89 11.46
CA LYS C 182 14.44 6.52 12.64
C LYS C 182 15.81 7.11 12.47
N LEU C 183 16.26 7.85 13.46
CA LEU C 183 17.63 8.37 13.45
C LEU C 183 18.52 7.24 13.95
N SER C 184 19.45 6.83 13.10
CA SER C 184 20.48 5.82 13.39
C SER C 184 21.33 6.28 14.58
N ASP C 185 21.88 5.29 15.23
CA ASP C 185 23.04 5.49 16.14
C ASP C 185 24.11 6.26 15.37
N PRO C 186 24.85 7.18 16.01
CA PRO C 186 25.82 8.02 15.31
C PRO C 186 27.14 7.31 14.97
N GLY C 187 27.24 5.99 15.22
CA GLY C 187 28.46 5.22 14.92
C GLY C 187 29.62 5.67 15.82
N VAL C 188 30.86 5.42 15.40
CA VAL C 188 32.05 5.78 16.23
C VAL C 188 31.90 7.26 16.55
N GLY C 189 31.95 7.59 17.83
CA GLY C 189 31.88 8.95 18.38
C GLY C 189 32.85 9.90 17.72
N LEU C 190 32.33 11.07 17.41
CA LEU C 190 33.04 12.21 16.78
C LEU C 190 34.39 12.47 17.45
N GLY C 191 34.49 12.40 18.79
CA GLY C 191 35.72 12.74 19.53
C GLY C 191 36.89 11.80 19.21
N ALA C 192 36.66 10.63 18.59
CA ALA C 192 37.68 9.59 18.35
C ALA C 192 38.24 9.75 16.95
N LEU C 193 37.56 10.51 16.10
CA LEU C 193 37.91 10.53 14.65
C LEU C 193 39.01 11.55 14.38
N SER C 194 39.70 11.40 13.24
CA SER C 194 40.78 12.30 12.77
C SER C 194 40.17 13.64 12.39
N ARG C 195 41.00 14.69 12.37
CA ARG C 195 40.61 15.97 11.76
C ARG C 195 40.11 15.72 10.32
N GLU C 196 40.80 14.89 9.51
CA GLU C 196 40.43 14.61 8.09
C GLU C 196 38.97 14.18 8.07
N GLU C 197 38.61 13.24 8.94
CA GLU C 197 37.23 12.72 8.99
C GLU C 197 36.23 13.80 9.43
N ARG C 198 36.63 14.75 10.27
CA ARG C 198 35.72 15.81 10.76
C ARG C 198 35.46 16.75 9.60
N VAL C 199 36.54 17.06 8.87
CA VAL C 199 36.42 17.97 7.70
C VAL C 199 35.46 17.36 6.68
N GLU C 200 35.52 16.04 6.48
CA GLU C 200 34.71 15.33 5.46
C GLU C 200 33.23 15.51 5.84
N ARG C 201 32.95 15.68 7.14
CA ARG C 201 31.55 15.80 7.63
C ARG C 201 31.00 17.23 7.50
N ILE C 202 31.78 18.17 7.02
CA ILE C 202 31.28 19.54 6.75
C ILE C 202 30.27 19.42 5.62
N PRO C 203 29.07 20.05 5.63
CA PRO C 203 28.63 20.99 6.66
C PRO C 203 27.72 20.47 7.78
N TRP C 204 27.56 19.17 7.90
CA TRP C 204 26.85 18.61 9.06
C TRP C 204 27.62 18.87 10.35
N LEU C 205 28.95 18.77 10.32
CA LEU C 205 29.85 19.06 11.47
C LEU C 205 29.66 20.50 11.98
N ALA C 206 29.26 20.69 13.24
CA ALA C 206 29.30 22.02 13.91
C ALA C 206 30.69 22.60 13.76
N PRO C 207 30.83 23.91 13.46
CA PRO C 207 32.14 24.54 13.29
C PRO C 207 33.04 24.43 14.52
N GLU C 208 32.44 24.41 15.71
CA GLU C 208 33.21 24.36 16.97
C GLU C 208 33.80 22.95 17.12
N CYS C 209 33.36 21.95 16.36
CA CYS C 209 33.94 20.59 16.45
C CYS C 209 35.08 20.37 15.45
N LEU C 210 35.44 21.37 14.64
CA LEU C 210 36.57 21.24 13.68
C LEU C 210 37.88 21.17 14.46
N PRO C 211 38.22 22.13 15.37
CA PRO C 211 39.53 22.18 16.03
C PRO C 211 40.07 20.88 16.67
N SER C 218 28.56 19.36 23.44
CA SER C 218 27.30 20.07 23.82
C SER C 218 26.18 19.70 22.85
N THR C 219 24.94 19.68 23.33
CA THR C 219 23.75 19.43 22.46
C THR C 219 23.71 20.51 21.37
N ALA C 220 24.29 21.71 21.59
CA ALA C 220 24.34 22.78 20.55
C ALA C 220 24.80 22.22 19.18
N MET C 221 25.74 21.28 19.13
CA MET C 221 26.31 20.78 17.83
C MET C 221 25.22 20.03 17.04
N ASP C 222 24.24 19.44 17.72
CA ASP C 222 23.10 18.77 17.03
C ASP C 222 22.12 19.79 16.45
N LYS C 223 22.05 21.00 16.99
CA LYS C 223 21.21 22.07 16.37
C LYS C 223 21.80 22.37 14.99
N TRP C 224 23.13 22.44 14.91
CA TRP C 224 23.82 22.74 13.63
C TRP C 224 23.57 21.57 12.67
N GLY C 225 23.80 20.35 13.17
CA GLY C 225 23.62 19.11 12.39
C GLY C 225 22.21 19.08 11.84
N PHE C 226 21.24 19.36 12.70
CA PHE C 226 19.82 19.46 12.30
C PHE C 226 19.63 20.44 11.14
N GLY C 227 20.12 21.68 11.27
CA GLY C 227 19.97 22.71 10.25
C GLY C 227 20.65 22.32 8.93
N ALA C 228 21.83 21.66 8.98
CA ALA C 228 22.52 21.15 7.76
C ALA C 228 21.69 20.05 7.09
N THR C 229 21.15 19.14 7.89
CA THR C 229 20.26 18.06 7.40
C THR C 229 18.98 18.66 6.77
N LEU C 230 18.43 19.75 7.31
CA LEU C 230 17.26 20.42 6.67
C LEU C 230 17.67 20.92 5.28
N LEU C 231 18.88 21.46 5.14
CA LEU C 231 19.31 21.89 3.79
C LEU C 231 19.37 20.66 2.88
N GLU C 232 19.99 19.59 3.38
CA GLU C 232 20.19 18.33 2.62
C GLU C 232 18.82 17.82 2.15
N ILE C 233 17.81 17.85 3.03
CA ILE C 233 16.46 17.35 2.68
C ILE C 233 15.79 18.26 1.66
N CSO C 234 15.79 19.56 1.93
CA CSO C 234 15.23 20.54 1.01
CB CSO C 234 15.47 21.96 1.46
SG CSO C 234 14.46 22.36 2.92
C CSO C 234 15.81 20.35 -0.39
O CSO C 234 15.08 20.44 -1.35
OD CSO C 234 12.89 21.99 2.52
N PHE C 235 17.12 20.09 -0.46
CA PHE C 235 17.80 20.04 -1.76
C PHE C 235 17.87 18.59 -2.25
N ASP C 236 16.91 17.73 -1.84
CA ASP C 236 16.74 16.35 -2.32
C ASP C 236 18.04 15.57 -2.25
N GLY C 237 18.75 15.70 -1.12
CA GLY C 237 19.90 14.84 -0.83
C GLY C 237 21.21 15.45 -1.34
N GLU C 238 21.20 16.61 -1.99
CA GLU C 238 22.41 17.41 -2.33
C GLU C 238 22.69 18.42 -1.21
N ALA C 239 23.51 18.03 -0.23
CA ALA C 239 24.00 18.95 0.81
C ALA C 239 24.96 19.98 0.19
N PRO C 240 24.89 21.25 0.62
CA PRO C 240 25.85 22.23 0.11
C PRO C 240 27.27 21.78 0.49
N LEU C 241 28.22 22.11 -0.40
CA LEU C 241 29.70 21.93 -0.27
C LEU C 241 30.20 20.53 -0.66
N GLN C 242 29.35 19.56 -1.04
CA GLN C 242 29.79 18.15 -1.25
C GLN C 242 30.68 17.97 -2.49
N SER C 243 30.54 18.79 -3.53
CA SER C 243 31.38 18.71 -4.74
C SER C 243 32.73 19.41 -4.48
N ARG C 244 32.95 19.94 -3.27
CA ARG C 244 34.19 20.66 -2.89
C ARG C 244 35.16 19.74 -2.13
N SER C 245 36.44 20.00 -2.32
CA SER C 245 37.54 19.29 -1.62
C SER C 245 37.47 19.55 -0.13
N PRO C 246 37.98 18.60 0.68
CA PRO C 246 38.13 18.80 2.12
C PRO C 246 38.74 20.17 2.44
N SER C 247 39.82 20.55 1.75
CA SER C 247 40.51 21.84 2.02
C SER C 247 39.56 23.02 1.77
N GLU C 248 38.67 22.93 0.78
CA GLU C 248 37.71 24.03 0.46
C GLU C 248 36.54 24.05 1.46
N LYS C 249 36.10 22.90 1.91
CA LYS C 249 35.10 22.77 3.01
C LYS C 249 35.65 23.45 4.26
N GLU C 250 36.87 23.08 4.62
CA GLU C 250 37.54 23.65 5.79
C GLU C 250 37.62 25.17 5.60
N HIS C 251 38.08 25.64 4.45
CA HIS C 251 38.26 27.09 4.20
C HIS C 251 36.93 27.85 4.37
N PHE C 252 35.82 27.20 3.98
CA PHE C 252 34.46 27.81 4.10
C PHE C 252 34.19 28.10 5.58
N TYR C 253 34.46 27.13 6.44
CA TYR C 253 34.32 27.33 7.91
C TYR C 253 35.28 28.41 8.41
N GLN C 254 36.48 28.55 7.83
CA GLN C 254 37.54 29.46 8.34
C GLN C 254 37.09 30.88 8.11
N ARG C 255 36.49 31.13 6.96
CA ARG C 255 35.92 32.44 6.58
C ARG C 255 34.58 32.66 7.30
N GLN C 256 34.06 31.66 8.01
CA GLN C 256 32.68 31.70 8.56
C GLN C 256 31.66 32.20 7.53
N HIS C 257 31.66 31.60 6.34
CA HIS C 257 30.66 31.91 5.31
C HIS C 257 29.33 31.35 5.78
N ARG C 258 28.24 32.05 5.46
CA ARG C 258 26.87 31.58 5.78
C ARG C 258 26.45 30.55 4.73
N LEU C 259 25.93 29.42 5.21
CA LEU C 259 25.40 28.37 4.34
C LEU C 259 24.18 28.90 3.60
N PRO C 260 23.81 28.28 2.47
CA PRO C 260 22.68 28.75 1.68
C PRO C 260 21.37 28.62 2.47
N GLU C 261 20.35 29.34 2.02
CA GLU C 261 18.98 29.28 2.59
C GLU C 261 18.11 28.55 1.59
N PRO C 262 17.08 27.81 2.03
CA PRO C 262 15.98 27.43 1.13
C PRO C 262 15.17 28.70 0.81
N SER C 263 14.48 28.73 -0.35
CA SER C 263 13.56 29.83 -0.78
C SER C 263 12.68 30.33 0.37
N CYS C 264 12.02 29.40 1.08
CA CYS C 264 10.98 29.67 2.11
C CYS C 264 11.56 30.52 3.24
N PRO C 265 11.16 31.82 3.39
CA PRO C 265 11.78 32.71 4.38
C PRO C 265 11.56 32.31 5.85
N GLN C 266 10.46 31.61 6.15
CA GLN C 266 10.18 31.06 7.51
C GLN C 266 11.21 29.96 7.81
N LEU C 267 11.41 29.00 6.88
CA LEU C 267 12.32 27.83 7.07
C LEU C 267 13.77 28.33 7.01
N ALA C 268 14.04 29.26 6.11
CA ALA C 268 15.29 30.04 6.02
C ALA C 268 15.65 30.58 7.41
N THR C 269 14.68 31.13 8.14
CA THR C 269 14.92 31.77 9.46
C THR C 269 15.39 30.66 10.40
N LEU C 270 14.70 29.52 10.36
CA LEU C 270 15.02 28.34 11.20
C LEU C 270 16.40 27.76 10.84
N THR C 271 16.70 27.51 9.56
CA THR C 271 18.04 26.95 9.20
C THR C 271 19.17 27.95 9.53
N SER C 272 19.00 29.25 9.27
CA SER C 272 20.05 30.26 9.54
C SER C 272 20.28 30.36 11.04
N GLN C 273 19.25 30.21 11.87
CA GLN C 273 19.40 30.25 13.33
C GLN C 273 20.15 29.01 13.83
N CYS C 274 19.81 27.85 13.30
CA CYS C 274 20.50 26.57 13.58
C CYS C 274 21.95 26.66 13.09
N LEU C 275 22.16 27.24 11.90
CA LEU C 275 23.49 27.31 11.23
C LEU C 275 24.15 28.65 11.58
N THR C 276 24.23 28.90 12.87
CA THR C 276 24.85 30.10 13.48
C THR C 276 26.17 29.64 14.10
N TYR C 277 27.25 30.33 13.84
CA TYR C 277 28.59 29.83 14.23
C TYR C 277 28.70 29.85 15.77
N GLU C 278 28.22 30.91 16.43
CA GLU C 278 28.18 30.96 17.91
C GLU C 278 27.18 29.92 18.40
N PRO C 279 27.65 28.85 19.08
CA PRO C 279 26.73 27.78 19.49
C PRO C 279 25.62 28.21 20.45
N THR C 280 25.84 29.22 21.29
CA THR C 280 24.84 29.66 22.30
C THR C 280 23.69 30.42 21.63
N GLN C 281 23.83 30.80 20.36
N GLN C 281 23.80 30.81 20.36
CA GLN C 281 22.81 31.59 19.62
CA GLN C 281 22.71 31.60 19.70
C GLN C 281 21.76 30.67 19.00
C GLN C 281 21.82 30.68 18.87
N ARG C 282 22.01 29.36 18.93
CA ARG C 282 21.17 28.36 18.20
C ARG C 282 19.93 28.07 19.03
N PRO C 283 18.74 27.95 18.41
CA PRO C 283 17.53 27.84 19.21
C PRO C 283 17.43 26.42 19.81
N SER C 284 16.70 26.32 20.92
CA SER C 284 16.38 25.05 21.59
C SER C 284 15.56 24.20 20.63
N PHE C 285 15.47 22.91 20.89
CA PHE C 285 14.56 22.04 20.11
C PHE C 285 13.11 22.35 20.46
N ARG C 286 12.84 22.95 21.62
CA ARG C 286 11.46 23.39 21.97
C ARG C 286 11.02 24.45 20.95
N THR C 287 11.84 25.49 20.75
CA THR C 287 11.56 26.56 19.76
C THR C 287 11.49 25.96 18.35
N ILE C 288 12.43 25.09 18.02
CA ILE C 288 12.53 24.53 16.65
C ILE C 288 11.22 23.79 16.33
N LEU C 289 10.74 23.03 17.28
CA LEU C 289 9.55 22.16 17.08
C LEU C 289 8.29 23.04 17.08
N ARG C 290 8.25 24.08 17.91
CA ARG C 290 7.13 25.06 17.89
C ARG C 290 7.12 25.73 16.50
N ASP C 291 8.26 26.21 16.01
CA ASP C 291 8.28 26.91 14.71
C ASP C 291 7.91 25.92 13.60
N LEU C 292 8.25 24.62 13.72
CA LEU C 292 7.94 23.66 12.62
C LEU C 292 6.44 23.32 12.63
N THR C 293 5.84 23.11 13.80
CA THR C 293 4.39 22.82 13.94
C THR C 293 3.60 24.11 13.65
N ARG C 294 4.28 25.27 13.57
CA ARG C 294 3.69 26.59 13.24
C ARG C 294 4.49 27.27 12.12
C1 ZRU D . -44.56 3.16 9.65
C3 ZRU D . -44.69 4.07 7.41
C5 ZRU D . -43.62 6.10 6.81
C6 ZRU D . -44.27 6.11 5.57
C7 ZRU D . -45.14 5.04 5.26
C8 ZRU D . -45.33 4.01 6.14
C11 ZRU D . -47.50 1.36 4.80
C12 ZRU D . -47.83 0.74 3.56
N13 ZRU D . -48.74 -0.25 3.45
C17 ZRU D . -46.36 1.33 0.47
C18 ZRU D . -45.69 2.21 1.25
C19 ZRU D . -46.18 2.07 2.49
C21 ZRU D . -44.69 3.07 0.84
C24 ZRU D . -43.13 4.86 1.67
C25 ZRU D . -42.03 4.74 2.70
C26 ZRU D . -41.87 4.22 1.28
N23 ZRU D . -44.18 3.84 1.86
O22 ZRU D . -44.33 3.16 -0.35
N20 ZRU D . -45.88 2.68 3.64
N16 ZRU D . -47.24 0.62 1.23
N15 ZRU D . -47.16 1.12 2.48
C14 ZRU D . -48.94 -1.14 4.63
C10 ZRU D . -46.54 2.40 4.80
N9 ZRU D . -46.20 2.96 5.98
N4 ZRU D . -43.87 5.08 7.73
O2 ZRU D . -44.91 3.05 8.26
C1 ZRU E . 19.23 -11.17 -23.59
C3 ZRU E . 17.72 -9.91 -22.25
C5 ZRU E . 15.42 -10.29 -22.41
C6 ZRU E . 15.14 -9.08 -21.78
C7 ZRU E . 16.20 -8.27 -21.35
C8 ZRU E . 17.50 -8.69 -21.57
C11 ZRU E . 19.91 -6.48 -19.94
C12 ZRU E . 20.05 -5.58 -18.83
N13 ZRU E . 21.18 -4.88 -18.59
C17 ZRU E . 17.62 -4.88 -16.42
C18 ZRU E . 16.96 -5.75 -17.22
C19 ZRU E . 17.81 -6.10 -18.23
C21 ZRU E . 15.69 -6.22 -17.04
C24 ZRU E . 13.97 -7.87 -17.80
C25 ZRU E . 14.01 -9.35 -18.10
C26 ZRU E . 13.80 -8.86 -16.70
N23 ZRU E . 15.31 -7.24 -17.88
O22 ZRU E . 14.91 -5.74 -16.19
N20 ZRU E . 17.64 -6.96 -19.27
N16 ZRU E . 18.88 -4.67 -16.92
N15 ZRU E . 19.00 -5.44 -18.02
C14 ZRU E . 22.44 -5.19 -19.35
C10 ZRU E . 18.66 -7.15 -20.15
N9 ZRU E . 18.61 -8.00 -21.22
N4 ZRU E . 16.72 -10.70 -22.63
O2 ZRU E . 19.00 -10.31 -22.47
C1 ZRU F . 23.37 2.99 0.66
C3 ZRU F . 23.71 2.27 2.90
C5 ZRU F . 25.76 2.78 3.92
C6 ZRU F . 25.46 1.99 5.01
C7 ZRU F . 24.23 1.33 5.06
C8 ZRU F . 23.34 1.48 4.00
C11 ZRU F . 20.07 -0.10 4.70
C12 ZRU F . 19.15 -0.37 5.75
N13 ZRU F . 18.01 -1.06 5.55
C17 ZRU F . 19.52 0.58 9.13
C18 ZRU F . 20.65 1.08 8.58
C19 ZRU F . 20.63 0.77 7.26
C21 ZRU F . 21.64 1.78 9.22
C24 ZRU F . 23.70 3.19 8.92
C25 ZRU F . 24.20 4.24 7.90
C26 ZRU F . 23.33 4.64 9.09
N23 ZRU F . 22.59 2.34 8.41
O22 ZRU F . 21.66 1.96 10.46
N20 ZRU F . 21.52 1.04 6.25
N16 ZRU F . 18.76 -0.02 8.17
N15 ZRU F . 19.48 0.07 6.99
C14 ZRU F . 17.51 -1.35 4.15
C10 ZRU F . 21.29 0.61 4.98
N9 ZRU F . 22.12 0.85 3.92
N4 ZRU F . 24.87 2.92 2.86
O2 ZRU F . 22.83 2.39 1.87
#